data_4XDJ
#
_entry.id   4XDJ
#
_cell.length_a   76.745
_cell.length_b   113.871
_cell.length_c   111.782
_cell.angle_alpha   90.00
_cell.angle_beta   90.97
_cell.angle_gamma   90.00
#
_symmetry.space_group_name_H-M   'P 1 21 1'
#
loop_
_entity.id
_entity.type
_entity.pdbx_description
1 polymer 'POTASSIUM CHANNEL SUBFAMILY K MEMBER 10'
2 non-polymer 'POTASSIUM ION'
3 non-polymer 1,2-DIACYL-SN-GLYCERO-3-PHOSPHOCHOLINE
4 non-polymer TRIDECANE
#
_entity_poly.entity_id   1
_entity_poly.type   'polypeptide(L)'
_entity_poly.pdbx_seq_one_letter_code
;MGLQTVMKWKTVVAIFVVVVVYLVTGGLVFRALEQPFESSQKNTIALEKAEFLRDHVCVSPQELETLIQHALDADNAGVS
PIGNSSNNSSHWDLGSAFFFAGTVITTIGYGNIAPSTEGGKIFCILYAIFGIPLFGFLLAGIGDQLGTIFGKSIARVEKV
FRKKQVSQTKIRVISTILFILAGCIVFVTIPAVIFKYIEGWTALESIYFVVVTLTTVGFGDFVAGGNAGINYREWYKPLV
WFWILVGLAYFAAVLSMIGDWLRVLSKKTKEEVGEAENLYFQ
;
_entity_poly.pdbx_strand_id   A,B,C,D
#
# COMPACT_ATOMS: atom_id res chain seq x y z
N LYS A 8 -15.35 12.39 52.40
CA LYS A 8 -14.54 13.48 52.92
C LYS A 8 -14.16 14.46 51.81
N TRP A 9 -14.11 15.77 52.10
CA TRP A 9 -13.78 16.83 51.14
C TRP A 9 -12.27 16.84 50.83
N LYS A 10 -11.43 16.38 51.78
CA LYS A 10 -9.97 16.30 51.63
C LYS A 10 -9.59 15.31 50.51
N THR A 11 -10.41 14.26 50.32
CA THR A 11 -10.20 13.23 49.29
C THR A 11 -10.82 13.67 47.95
N VAL A 12 -11.93 14.43 47.95
CA VAL A 12 -12.62 14.93 46.74
C VAL A 12 -11.66 15.86 45.97
N VAL A 13 -10.94 16.74 46.69
CA VAL A 13 -9.95 17.66 46.14
C VAL A 13 -8.77 16.85 45.59
N ALA A 14 -8.35 15.77 46.32
CA ALA A 14 -7.28 14.88 45.91
C ALA A 14 -7.61 14.17 44.59
N ILE A 15 -8.88 13.70 44.42
CA ILE A 15 -9.35 13.05 43.18
C ILE A 15 -9.39 14.11 42.06
N PHE A 16 -9.87 15.33 42.38
CA PHE A 16 -9.95 16.46 41.43
C PHE A 16 -8.58 16.81 40.86
N VAL A 17 -7.53 16.78 41.71
CA VAL A 17 -6.15 17.07 41.30
C VAL A 17 -5.68 16.00 40.31
N VAL A 18 -5.92 14.70 40.63
CA VAL A 18 -5.56 13.55 39.80
C VAL A 18 -6.25 13.66 38.42
N VAL A 19 -7.57 13.95 38.39
CA VAL A 19 -8.41 14.08 37.19
C VAL A 19 -7.90 15.24 36.30
N VAL A 20 -7.67 16.44 36.87
CA VAL A 20 -7.19 17.61 36.13
C VAL A 20 -5.77 17.31 35.57
N VAL A 21 -4.92 16.58 36.33
CA VAL A 21 -3.59 16.16 35.88
C VAL A 21 -3.75 15.17 34.71
N TYR A 22 -4.69 14.21 34.84
CA TYR A 22 -5.01 13.18 33.83
C TYR A 22 -5.50 13.79 32.52
N LEU A 23 -6.22 14.93 32.58
CA LEU A 23 -6.72 15.63 31.38
C LEU A 23 -5.61 16.41 30.67
N VAL A 24 -4.72 17.07 31.45
CA VAL A 24 -3.58 17.83 30.91
C VAL A 24 -2.59 16.84 30.30
N THR A 25 -2.26 15.74 31.03
CA THR A 25 -1.36 14.67 30.58
C THR A 25 -1.90 14.03 29.30
N GLY A 26 -3.15 13.55 29.37
CA GLY A 26 -3.86 12.92 28.27
C GLY A 26 -4.00 13.80 27.04
N GLY A 27 -4.31 15.08 27.28
CA GLY A 27 -4.45 16.10 26.24
C GLY A 27 -3.17 16.32 25.46
N LEU A 28 -2.03 16.29 26.17
CA LEU A 28 -0.69 16.44 25.58
C LEU A 28 -0.30 15.21 24.76
N VAL A 29 -0.77 14.01 25.16
CA VAL A 29 -0.50 12.75 24.45
C VAL A 29 -1.28 12.77 23.12
N PHE A 30 -2.57 13.15 23.17
CA PHE A 30 -3.47 13.24 22.00
C PHE A 30 -2.95 14.26 21.00
N ARG A 31 -2.48 15.43 21.48
CA ARG A 31 -1.93 16.51 20.66
C ARG A 31 -0.73 15.97 19.87
N ALA A 32 0.19 15.25 20.56
CA ALA A 32 1.39 14.66 19.97
C ALA A 32 1.06 13.58 18.93
N LEU A 33 -0.08 12.89 19.10
CA LEU A 33 -0.53 11.81 18.21
C LEU A 33 -1.39 12.28 17.03
N GLU A 34 -2.14 13.40 17.19
CA GLU A 34 -3.11 13.86 16.18
C GLU A 34 -2.73 15.17 15.47
N GLN A 35 -2.00 16.10 16.11
CA GLN A 35 -1.59 17.36 15.47
C GLN A 35 -0.72 17.13 14.20
N PRO A 36 0.21 16.13 14.12
CA PRO A 36 0.95 15.94 12.86
C PRO A 36 0.03 15.51 11.71
N PHE A 37 -1.02 14.72 12.02
CA PHE A 37 -2.00 14.25 11.04
C PHE A 37 -2.93 15.40 10.61
N GLU A 38 -3.35 16.24 11.58
CA GLU A 38 -4.22 17.41 11.36
C GLU A 38 -3.53 18.43 10.47
N SER A 39 -2.21 18.65 10.70
CA SER A 39 -1.36 19.57 9.92
C SER A 39 -1.25 19.07 8.47
N SER A 40 -1.19 17.74 8.28
CA SER A 40 -1.09 17.09 6.98
C SER A 40 -2.41 17.22 6.19
N GLN A 41 -3.55 16.97 6.85
CA GLN A 41 -4.87 17.05 6.22
C GLN A 41 -5.27 18.50 5.91
N LYS A 42 -4.73 19.49 6.67
CA LYS A 42 -4.97 20.91 6.46
C LYS A 42 -4.35 21.36 5.13
N ASN A 43 -3.16 20.80 4.82
CA ASN A 43 -2.40 21.06 3.60
C ASN A 43 -3.01 20.32 2.40
N THR A 44 -3.52 19.09 2.63
CA THR A 44 -4.11 18.25 1.59
C THR A 44 -5.36 18.89 0.98
N ILE A 45 -6.32 19.33 1.82
CA ILE A 45 -7.58 19.94 1.35
C ILE A 45 -7.32 21.29 0.67
N ALA A 46 -6.35 22.08 1.17
CA ALA A 46 -5.99 23.39 0.60
C ALA A 46 -5.40 23.21 -0.80
N LEU A 47 -4.58 22.16 -1.00
CA LEU A 47 -3.94 21.83 -2.28
C LEU A 47 -4.95 21.25 -3.26
N GLU A 48 -5.93 20.46 -2.76
CA GLU A 48 -6.97 19.84 -3.58
C GLU A 48 -7.98 20.87 -4.09
N LYS A 49 -8.36 21.85 -3.23
CA LYS A 49 -9.29 22.92 -3.59
C LYS A 49 -8.65 23.86 -4.62
N ALA A 50 -7.35 24.19 -4.43
CA ALA A 50 -6.59 25.04 -5.34
C ALA A 50 -6.39 24.36 -6.70
N GLU A 51 -6.21 23.02 -6.71
CA GLU A 51 -6.05 22.22 -7.92
C GLU A 51 -7.33 22.19 -8.73
N PHE A 52 -8.50 22.13 -8.05
CA PHE A 52 -9.81 22.11 -8.68
C PHE A 52 -10.04 23.41 -9.47
N LEU A 53 -9.82 24.57 -8.82
CA LEU A 53 -9.98 25.89 -9.42
C LEU A 53 -8.95 26.15 -10.54
N ARG A 54 -7.77 25.51 -10.45
CA ARG A 54 -6.69 25.62 -11.42
C ARG A 54 -7.04 24.86 -12.71
N ASP A 55 -7.65 23.66 -12.58
CA ASP A 55 -8.05 22.81 -13.70
C ASP A 55 -9.38 23.29 -14.29
N HIS A 56 -10.36 23.60 -13.42
CA HIS A 56 -11.69 24.08 -13.80
C HIS A 56 -11.72 25.60 -13.65
N VAL A 57 -11.23 26.30 -14.68
CA VAL A 57 -11.10 27.77 -14.78
C VAL A 57 -12.48 28.45 -14.68
N CYS A 58 -13.52 27.85 -15.31
CA CYS A 58 -14.90 28.35 -15.36
C CYS A 58 -15.55 28.52 -13.96
N VAL A 59 -14.97 27.88 -12.91
CA VAL A 59 -15.43 27.94 -11.51
C VAL A 59 -14.70 29.05 -10.77
N SER A 60 -15.46 29.86 -9.99
CA SER A 60 -14.93 30.95 -9.18
C SER A 60 -14.62 30.42 -7.76
N PRO A 61 -13.69 31.03 -6.97
CA PRO A 61 -13.40 30.48 -5.63
C PRO A 61 -14.59 30.54 -4.67
N GLN A 62 -15.48 31.54 -4.84
CA GLN A 62 -16.68 31.71 -4.00
C GLN A 62 -17.75 30.67 -4.36
N GLU A 63 -17.95 30.36 -5.67
CA GLU A 63 -18.91 29.37 -6.15
C GLU A 63 -18.50 27.95 -5.70
N LEU A 64 -17.18 27.75 -5.49
CA LEU A 64 -16.61 26.50 -5.00
C LEU A 64 -17.02 26.31 -3.55
N GLU A 65 -16.83 27.34 -2.70
CA GLU A 65 -17.18 27.34 -1.27
C GLU A 65 -18.67 27.11 -1.06
N THR A 66 -19.51 27.70 -1.94
CA THR A 66 -20.97 27.57 -1.94
C THR A 66 -21.35 26.09 -2.09
N LEU A 67 -20.72 25.38 -3.06
CA LEU A 67 -20.94 23.95 -3.32
C LEU A 67 -20.47 23.09 -2.15
N ILE A 68 -19.27 23.40 -1.59
CA ILE A 68 -18.71 22.66 -0.45
C ILE A 68 -19.64 22.83 0.75
N GLN A 69 -20.13 24.06 1.01
CA GLN A 69 -21.05 24.33 2.12
C GLN A 69 -22.39 23.61 1.90
N HIS A 70 -22.88 23.53 0.65
CA HIS A 70 -24.11 22.81 0.30
C HIS A 70 -23.92 21.30 0.55
N ALA A 71 -22.73 20.77 0.24
CA ALA A 71 -22.37 19.36 0.45
C ALA A 71 -22.23 19.05 1.93
N LEU A 72 -21.69 20.01 2.70
CA LEU A 72 -21.52 19.88 4.15
C LEU A 72 -22.86 19.97 4.87
N ASP A 73 -23.76 20.88 4.42
CA ASP A 73 -25.10 21.07 4.98
C ASP A 73 -25.95 19.83 4.80
N ALA A 74 -25.79 19.13 3.64
CA ALA A 74 -26.48 17.89 3.35
C ALA A 74 -25.98 16.77 4.25
N ASP A 75 -24.66 16.74 4.50
CA ASP A 75 -23.99 15.77 5.36
C ASP A 75 -24.43 15.94 6.83
N ASN A 76 -24.57 17.21 7.28
CA ASN A 76 -25.01 17.56 8.64
C ASN A 76 -26.47 17.12 8.86
N ALA A 77 -27.30 17.17 7.79
CA ALA A 77 -28.70 16.75 7.80
C ALA A 77 -28.80 15.21 7.82
N GLY A 78 -27.78 14.54 7.27
CA GLY A 78 -27.69 13.09 7.22
C GLY A 78 -27.80 12.49 5.83
N VAL A 79 -27.81 13.34 4.80
CA VAL A 79 -27.91 12.95 3.39
C VAL A 79 -26.51 12.96 2.76
N SER A 80 -26.09 11.80 2.21
CA SER A 80 -24.78 11.65 1.57
C SER A 80 -24.70 12.49 0.27
N PRO A 81 -23.76 13.45 0.17
CA PRO A 81 -23.66 14.24 -1.07
C PRO A 81 -22.86 13.52 -2.16
N ILE A 82 -22.83 12.18 -2.11
CA ILE A 82 -22.14 11.32 -3.07
C ILE A 82 -23.20 10.49 -3.81
N GLY A 83 -23.28 10.66 -5.13
CA GLY A 83 -24.22 9.96 -5.99
C GLY A 83 -25.70 10.26 -5.79
N ASN A 84 -26.56 9.57 -6.54
CA ASN A 84 -28.02 9.74 -6.48
C ASN A 84 -28.64 8.79 -5.45
N SER A 90 -32.54 5.25 3.19
CA SER A 90 -33.05 6.13 4.24
C SER A 90 -32.44 5.81 5.62
N HIS A 91 -32.27 6.86 6.45
CA HIS A 91 -31.71 6.77 7.80
C HIS A 91 -32.81 6.78 8.88
N TRP A 92 -34.08 6.98 8.48
CA TRP A 92 -35.19 7.05 9.43
C TRP A 92 -36.25 5.95 9.21
N ASP A 93 -35.85 4.80 8.63
CA ASP A 93 -36.76 3.66 8.44
C ASP A 93 -37.06 3.01 9.79
N LEU A 94 -38.16 2.21 9.91
CA LEU A 94 -38.56 1.54 11.17
C LEU A 94 -37.38 0.84 11.88
N GLY A 95 -36.42 0.34 11.10
CA GLY A 95 -35.23 -0.34 11.60
C GLY A 95 -34.21 0.63 12.18
N SER A 96 -33.75 1.59 11.34
CA SER A 96 -32.74 2.60 11.71
C SER A 96 -33.22 3.57 12.80
N ALA A 97 -34.52 3.97 12.77
CA ALA A 97 -35.13 4.88 13.75
C ALA A 97 -35.26 4.21 15.12
N PHE A 98 -35.41 2.87 15.13
CA PHE A 98 -35.46 2.05 16.35
C PHE A 98 -34.07 2.05 16.99
N PHE A 99 -33.02 1.88 16.14
CA PHE A 99 -31.62 1.86 16.58
C PHE A 99 -31.21 3.24 17.09
N PHE A 100 -31.66 4.33 16.44
CA PHE A 100 -31.38 5.71 16.88
C PHE A 100 -32.03 5.97 18.24
N ALA A 101 -33.25 5.46 18.46
CA ALA A 101 -33.95 5.60 19.73
C ALA A 101 -33.14 4.96 20.85
N GLY A 102 -32.57 3.78 20.57
CA GLY A 102 -31.70 3.04 21.48
C GLY A 102 -30.37 3.72 21.73
N THR A 103 -29.88 4.47 20.72
CA THR A 103 -28.64 5.26 20.72
C THR A 103 -28.79 6.44 21.72
N VAL A 104 -30.03 6.98 21.87
CA VAL A 104 -30.36 8.06 22.80
C VAL A 104 -30.42 7.48 24.23
N ILE A 105 -31.24 6.42 24.39
CA ILE A 105 -31.55 5.69 25.63
C ILE A 105 -30.25 5.22 26.35
N THR A 106 -29.33 4.58 25.61
CA THR A 106 -28.08 4.05 26.16
C THR A 106 -27.06 5.15 26.51
N THR A 107 -27.32 6.42 26.08
CA THR A 107 -26.49 7.63 26.23
C THR A 107 -25.24 7.57 25.33
N ILE A 108 -25.21 6.64 24.34
CA ILE A 108 -24.10 6.47 23.40
C ILE A 108 -24.03 7.71 22.49
N GLY A 109 -25.17 8.07 21.88
CA GLY A 109 -25.34 9.22 21.00
C GLY A 109 -24.24 9.39 19.97
N TYR A 110 -24.17 8.46 19.00
CA TYR A 110 -23.15 8.43 17.94
C TYR A 110 -23.02 9.77 17.21
N GLY A 111 -24.06 10.21 16.53
CA GLY A 111 -24.02 11.49 15.83
C GLY A 111 -24.39 11.44 14.36
N ASN A 112 -24.06 10.32 13.67
CA ASN A 112 -24.37 10.11 12.24
C ASN A 112 -25.86 10.41 11.95
N ILE A 113 -26.75 9.94 12.83
CA ILE A 113 -28.19 10.17 12.78
C ILE A 113 -28.52 11.07 13.99
N ALA A 114 -28.95 12.31 13.72
CA ALA A 114 -29.29 13.28 14.76
C ALA A 114 -30.54 14.10 14.36
N PRO A 115 -31.44 14.49 15.31
CA PRO A 115 -32.63 15.26 14.91
C PRO A 115 -32.26 16.64 14.36
N SER A 116 -32.75 16.93 13.14
CA SER A 116 -32.51 18.20 12.42
C SER A 116 -33.74 19.11 12.49
N THR A 117 -34.95 18.53 12.66
CA THR A 117 -36.21 19.25 12.77
C THR A 117 -36.34 19.84 14.16
N GLU A 118 -36.90 21.06 14.27
CA GLU A 118 -37.14 21.75 15.55
C GLU A 118 -37.99 20.88 16.47
N GLY A 119 -39.02 20.24 15.88
CA GLY A 119 -39.92 19.33 16.57
C GLY A 119 -39.24 18.04 16.98
N GLY A 120 -38.34 17.57 16.12
CA GLY A 120 -37.56 16.35 16.37
C GLY A 120 -36.61 16.50 17.54
N LYS A 121 -36.06 17.72 17.71
CA LYS A 121 -35.16 18.08 18.80
C LYS A 121 -35.95 18.16 20.12
N ILE A 122 -37.17 18.76 20.09
CA ILE A 122 -38.09 18.90 21.23
C ILE A 122 -38.47 17.51 21.76
N PHE A 123 -38.78 16.57 20.86
CA PHE A 123 -39.13 15.20 21.22
C PHE A 123 -37.90 14.47 21.76
N CYS A 124 -36.70 14.72 21.17
CA CYS A 124 -35.42 14.12 21.58
C CYS A 124 -35.06 14.49 23.02
N ILE A 125 -35.40 15.73 23.43
CA ILE A 125 -35.18 16.25 24.80
C ILE A 125 -36.06 15.48 25.78
N LEU A 126 -37.35 15.32 25.44
CA LEU A 126 -38.34 14.62 26.27
C LEU A 126 -38.11 13.09 26.27
N TYR A 127 -37.67 12.54 25.13
CA TYR A 127 -37.41 11.11 24.99
C TYR A 127 -36.19 10.67 25.80
N ALA A 128 -35.20 11.58 25.99
CA ALA A 128 -34.00 11.31 26.76
C ALA A 128 -34.28 11.45 28.26
N ILE A 129 -34.97 12.53 28.66
CA ILE A 129 -35.32 12.85 30.06
C ILE A 129 -36.18 11.71 30.67
N PHE A 130 -37.25 11.29 29.96
CA PHE A 130 -38.16 10.25 30.42
C PHE A 130 -37.82 8.86 29.83
N GLY A 131 -36.58 8.70 29.38
CA GLY A 131 -36.14 7.46 28.76
C GLY A 131 -34.86 6.86 29.31
N ILE A 132 -33.83 7.69 29.57
CA ILE A 132 -32.53 7.26 30.11
C ILE A 132 -32.74 6.60 31.51
N PRO A 133 -33.53 7.17 32.47
CA PRO A 133 -33.74 6.47 33.75
C PRO A 133 -34.50 5.15 33.59
N LEU A 134 -35.39 5.02 32.57
CA LEU A 134 -36.14 3.79 32.27
C LEU A 134 -35.16 2.68 31.90
N PHE A 135 -34.08 3.02 31.16
CA PHE A 135 -33.03 2.10 30.78
C PHE A 135 -32.22 1.69 31.99
N GLY A 136 -32.14 2.58 32.98
CA GLY A 136 -31.45 2.36 34.25
C GLY A 136 -32.04 1.14 34.93
N PHE A 137 -33.38 1.08 35.00
CA PHE A 137 -34.15 -0.02 35.57
C PHE A 137 -33.81 -1.36 34.90
N LEU A 138 -33.81 -1.38 33.54
CA LEU A 138 -33.53 -2.57 32.73
C LEU A 138 -32.11 -3.06 32.96
N LEU A 139 -31.12 -2.15 32.98
CA LEU A 139 -29.72 -2.48 33.22
C LEU A 139 -29.51 -2.89 34.70
N ALA A 140 -30.35 -2.36 35.62
CA ALA A 140 -30.30 -2.70 37.04
C ALA A 140 -30.88 -4.08 37.26
N GLY A 141 -31.94 -4.40 36.52
CA GLY A 141 -32.63 -5.68 36.55
C GLY A 141 -31.72 -6.82 36.14
N ILE A 142 -31.07 -6.67 34.97
CA ILE A 142 -30.11 -7.64 34.43
C ILE A 142 -28.89 -7.69 35.38
N GLY A 143 -28.52 -6.54 35.93
CA GLY A 143 -27.42 -6.39 36.89
C GLY A 143 -27.67 -7.09 38.21
N ASP A 144 -28.95 -7.21 38.61
CA ASP A 144 -29.40 -7.86 39.84
C ASP A 144 -29.40 -9.37 39.68
N GLN A 145 -29.53 -9.83 38.42
CA GLN A 145 -29.55 -11.23 38.01
C GLN A 145 -28.14 -11.74 37.85
N LEU A 146 -27.22 -10.90 37.32
CA LEU A 146 -25.80 -11.22 37.10
C LEU A 146 -25.06 -11.35 38.42
N GLY A 147 -25.50 -10.60 39.43
CA GLY A 147 -24.95 -10.64 40.78
C GLY A 147 -25.11 -12.01 41.41
N THR A 148 -26.23 -12.68 41.10
CA THR A 148 -26.56 -14.03 41.55
C THR A 148 -25.59 -15.04 40.90
N ILE A 149 -25.26 -14.81 39.61
CA ILE A 149 -24.33 -15.61 38.81
C ILE A 149 -22.92 -15.38 39.36
N PHE A 150 -22.57 -14.13 39.73
CA PHE A 150 -21.25 -13.77 40.28
C PHE A 150 -21.05 -14.35 41.68
N GLY A 151 -22.00 -14.13 42.58
CA GLY A 151 -21.98 -14.62 43.96
C GLY A 151 -21.81 -16.12 44.08
N LYS A 152 -22.44 -16.88 43.16
CA LYS A 152 -22.37 -18.34 43.10
C LYS A 152 -21.01 -18.79 42.55
N SER A 153 -20.47 -18.05 41.57
CA SER A 153 -19.17 -18.33 40.94
C SER A 153 -18.01 -18.03 41.88
N ILE A 154 -18.11 -16.95 42.70
CA ILE A 154 -17.08 -16.57 43.70
C ILE A 154 -17.04 -17.66 44.78
N ALA A 155 -18.22 -18.15 45.22
CA ALA A 155 -18.38 -19.21 46.21
C ALA A 155 -17.80 -20.54 45.72
N ARG A 156 -17.87 -20.79 44.38
CA ARG A 156 -17.34 -21.98 43.74
C ARG A 156 -15.79 -21.95 43.70
N VAL A 157 -15.21 -20.75 43.50
CA VAL A 157 -13.77 -20.50 43.50
C VAL A 157 -13.26 -20.57 44.96
N GLU A 158 -14.06 -20.04 45.92
CA GLU A 158 -13.78 -20.06 47.37
C GLU A 158 -13.82 -21.49 47.92
N LYS A 159 -14.53 -22.41 47.23
CA LYS A 159 -14.63 -23.82 47.57
C LYS A 159 -13.33 -24.55 47.21
N VAL A 160 -12.55 -23.98 46.27
CA VAL A 160 -11.29 -24.52 45.77
C VAL A 160 -10.11 -23.78 46.43
N VAL A 166 -6.08 -19.02 51.72
CA VAL A 166 -6.12 -17.84 50.87
C VAL A 166 -7.24 -16.90 51.34
N SER A 167 -6.91 -15.62 51.52
CA SER A 167 -7.80 -14.54 51.97
C SER A 167 -8.97 -14.31 51.02
N GLN A 168 -10.12 -13.89 51.57
CA GLN A 168 -11.36 -13.61 50.83
C GLN A 168 -11.17 -12.51 49.77
N THR A 169 -10.29 -11.53 50.03
CA THR A 169 -9.98 -10.42 49.12
C THR A 169 -9.23 -10.95 47.89
N LYS A 170 -8.29 -11.91 48.10
CA LYS A 170 -7.51 -12.54 47.02
C LYS A 170 -8.43 -13.37 46.11
N ILE A 171 -9.44 -14.04 46.72
CA ILE A 171 -10.45 -14.85 46.02
C ILE A 171 -11.28 -13.92 45.12
N ARG A 172 -11.71 -12.76 45.68
CA ARG A 172 -12.50 -11.72 45.01
C ARG A 172 -11.73 -11.12 43.84
N VAL A 173 -10.40 -10.90 43.99
CA VAL A 173 -9.51 -10.35 42.96
C VAL A 173 -9.43 -11.36 41.78
N ILE A 174 -9.16 -12.65 42.10
CA ILE A 174 -9.06 -13.75 41.13
C ILE A 174 -10.43 -13.97 40.43
N SER A 175 -11.54 -13.77 41.16
CA SER A 175 -12.90 -13.89 40.63
C SER A 175 -13.24 -12.73 39.71
N THR A 176 -12.90 -11.47 40.11
CA THR A 176 -13.15 -10.26 39.33
C THR A 176 -12.38 -10.31 38.01
N ILE A 177 -11.07 -10.68 38.05
CA ILE A 177 -10.22 -10.82 36.86
C ILE A 177 -10.89 -11.81 35.90
N LEU A 178 -11.35 -12.96 36.46
CA LEU A 178 -12.03 -14.04 35.74
C LEU A 178 -13.35 -13.54 35.11
N PHE A 179 -14.09 -12.67 35.82
CA PHE A 179 -15.34 -12.12 35.29
C PHE A 179 -15.09 -11.13 34.16
N ILE A 180 -14.05 -10.24 34.31
CA ILE A 180 -13.70 -9.24 33.29
C ILE A 180 -13.24 -9.97 32.02
N LEU A 181 -12.34 -10.97 32.16
CA LEU A 181 -11.84 -11.77 31.04
C LEU A 181 -12.97 -12.51 30.31
N ALA A 182 -14.01 -12.95 31.06
CA ALA A 182 -15.18 -13.64 30.49
C ALA A 182 -15.96 -12.69 29.56
N GLY A 183 -16.18 -11.47 30.04
CA GLY A 183 -16.87 -10.42 29.30
C GLY A 183 -16.03 -9.86 28.16
N CYS A 184 -14.70 -9.90 28.32
CA CYS A 184 -13.75 -9.41 27.31
C CYS A 184 -13.67 -10.35 26.10
N ILE A 185 -14.21 -11.57 26.22
CA ILE A 185 -14.22 -12.55 25.11
C ILE A 185 -15.61 -12.54 24.45
N VAL A 186 -16.69 -12.69 25.26
CA VAL A 186 -18.09 -12.76 24.83
C VAL A 186 -18.61 -11.41 24.29
N PHE A 187 -18.36 -10.29 25.01
CA PHE A 187 -18.88 -8.95 24.63
C PHE A 187 -17.85 -8.02 23.99
N VAL A 188 -16.55 -8.38 24.00
CA VAL A 188 -15.55 -7.48 23.43
C VAL A 188 -14.87 -8.15 22.21
N THR A 189 -14.20 -9.30 22.39
CA THR A 189 -13.46 -9.98 21.32
C THR A 189 -14.39 -10.54 20.23
N ILE A 190 -15.31 -11.46 20.58
CA ILE A 190 -16.25 -12.11 19.65
C ILE A 190 -17.03 -11.06 18.80
N PRO A 191 -17.68 -10.00 19.37
CA PRO A 191 -18.40 -9.04 18.52
C PRO A 191 -17.47 -8.23 17.60
N ALA A 192 -16.25 -7.88 18.06
CA ALA A 192 -15.26 -7.15 17.26
C ALA A 192 -14.85 -7.95 16.02
N VAL A 193 -14.76 -9.30 16.17
CA VAL A 193 -14.42 -10.25 15.10
C VAL A 193 -15.56 -10.24 14.04
N ILE A 194 -16.83 -10.24 14.51
CA ILE A 194 -18.03 -10.19 13.66
C ILE A 194 -18.05 -8.86 12.89
N PHE A 195 -17.78 -7.73 13.59
CA PHE A 195 -17.75 -6.38 13.00
C PHE A 195 -16.62 -6.23 11.97
N LYS A 196 -15.51 -6.97 12.14
CA LYS A 196 -14.36 -6.95 11.22
C LYS A 196 -14.73 -7.59 9.88
N TYR A 197 -15.65 -8.58 9.90
CA TYR A 197 -16.11 -9.31 8.72
C TYR A 197 -17.33 -8.65 8.07
N ILE A 198 -18.31 -8.17 8.89
CA ILE A 198 -19.54 -7.55 8.37
C ILE A 198 -19.24 -6.15 7.81
N GLU A 199 -18.78 -5.22 8.67
CA GLU A 199 -18.49 -3.83 8.29
C GLU A 199 -17.23 -3.73 7.42
N GLY A 200 -16.29 -4.65 7.59
CA GLY A 200 -15.04 -4.69 6.84
C GLY A 200 -13.95 -3.79 7.38
N TRP A 201 -14.04 -3.43 8.68
CA TRP A 201 -13.05 -2.58 9.36
C TRP A 201 -11.74 -3.32 9.64
N THR A 202 -10.70 -2.58 10.08
CA THR A 202 -9.40 -3.18 10.45
C THR A 202 -9.53 -3.82 11.84
N ALA A 203 -8.54 -4.66 12.23
CA ALA A 203 -8.51 -5.34 13.53
C ALA A 203 -8.56 -4.34 14.69
N LEU A 204 -7.98 -3.14 14.50
CA LEU A 204 -7.95 -2.05 15.47
C LEU A 204 -9.32 -1.39 15.58
N GLU A 205 -9.87 -0.90 14.44
CA GLU A 205 -11.15 -0.20 14.31
C GLU A 205 -12.32 -0.99 14.86
N SER A 206 -12.28 -2.33 14.75
CA SER A 206 -13.31 -3.23 15.25
C SER A 206 -13.32 -3.26 16.78
N ILE A 207 -12.12 -3.41 17.42
CA ILE A 207 -11.96 -3.41 18.88
C ILE A 207 -12.23 -1.99 19.41
N TYR A 208 -11.77 -0.94 18.67
CA TYR A 208 -11.96 0.47 18.99
C TYR A 208 -13.44 0.81 19.02
N PHE A 209 -14.22 0.37 18.01
CA PHE A 209 -15.66 0.62 17.94
C PHE A 209 -16.37 0.01 19.15
N VAL A 210 -16.08 -1.28 19.44
CA VAL A 210 -16.67 -2.02 20.57
C VAL A 210 -16.39 -1.26 21.89
N VAL A 211 -15.14 -0.81 22.11
CA VAL A 211 -14.72 -0.06 23.30
C VAL A 211 -15.53 1.25 23.39
N VAL A 212 -15.51 2.08 22.32
CA VAL A 212 -16.21 3.37 22.22
C VAL A 212 -17.74 3.18 22.39
N THR A 213 -18.29 2.01 21.99
CA THR A 213 -19.72 1.71 22.13
C THR A 213 -20.06 1.36 23.58
N LEU A 214 -19.38 0.36 24.18
CA LEU A 214 -19.66 -0.12 25.53
C LEU A 214 -19.33 0.92 26.61
N THR A 215 -18.38 1.84 26.35
CA THR A 215 -18.05 2.90 27.29
C THR A 215 -19.12 4.01 27.27
N THR A 216 -20.11 3.91 26.35
CA THR A 216 -21.23 4.83 26.06
C THR A 216 -20.71 6.20 25.57
N VAL A 217 -19.42 6.25 25.14
CA VAL A 217 -18.77 7.45 24.62
C VAL A 217 -19.41 7.80 23.26
N GLY A 218 -19.41 6.83 22.34
CA GLY A 218 -20.01 6.94 21.01
C GLY A 218 -19.68 8.18 20.21
N PHE A 219 -18.46 8.22 19.63
CA PHE A 219 -18.01 9.36 18.82
C PHE A 219 -18.81 9.48 17.53
N GLY A 220 -19.16 8.35 16.93
CA GLY A 220 -19.90 8.34 15.67
C GLY A 220 -19.01 8.29 14.44
N ASP A 221 -17.68 8.23 14.64
CA ASP A 221 -16.67 8.13 13.58
C ASP A 221 -16.74 6.74 12.93
N PHE A 222 -17.28 5.77 13.68
CA PHE A 222 -17.54 4.39 13.28
C PHE A 222 -18.90 4.01 13.84
N VAL A 223 -19.85 3.68 12.94
CA VAL A 223 -21.22 3.30 13.33
C VAL A 223 -21.60 1.99 12.61
N ALA A 224 -22.08 0.99 13.37
CA ALA A 224 -22.52 -0.29 12.82
C ALA A 224 -23.81 -0.10 12.05
N GLY A 225 -23.84 -0.61 10.83
CA GLY A 225 -24.98 -0.50 9.93
C GLY A 225 -25.12 0.89 9.32
N GLY A 226 -24.00 1.44 8.85
CA GLY A 226 -23.94 2.78 8.30
C GLY A 226 -23.34 2.91 6.90
N ASN A 227 -22.69 1.85 6.39
CA ASN A 227 -22.09 1.90 5.05
C ASN A 227 -23.18 1.77 3.99
N ALA A 228 -23.31 2.79 3.12
CA ALA A 228 -24.28 2.85 2.03
C ALA A 228 -24.04 1.71 1.04
N GLY A 229 -22.75 1.43 0.75
CA GLY A 229 -22.31 0.36 -0.14
C GLY A 229 -22.37 -1.03 0.44
N ILE A 230 -23.03 -1.20 1.62
CA ILE A 230 -23.19 -2.48 2.30
C ILE A 230 -24.67 -2.86 2.38
N ASN A 231 -25.01 -4.07 1.90
CA ASN A 231 -26.37 -4.60 1.89
C ASN A 231 -26.58 -5.51 3.11
N TYR A 232 -26.83 -4.88 4.28
CA TYR A 232 -27.02 -5.58 5.57
C TYR A 232 -28.31 -6.39 5.63
N ARG A 233 -28.36 -7.32 6.61
CA ARG A 233 -29.53 -8.15 6.93
C ARG A 233 -30.47 -7.33 7.82
N GLU A 234 -31.77 -7.71 7.89
CA GLU A 234 -32.78 -7.00 8.69
C GLU A 234 -32.56 -7.18 10.20
N TRP A 235 -32.12 -8.38 10.63
CA TRP A 235 -31.87 -8.74 12.03
C TRP A 235 -30.58 -8.11 12.60
N TYR A 236 -29.72 -7.54 11.73
CA TYR A 236 -28.43 -6.95 12.12
C TYR A 236 -28.57 -5.82 13.16
N LYS A 237 -29.11 -4.64 12.76
CA LYS A 237 -29.28 -3.46 13.62
C LYS A 237 -29.96 -3.76 14.99
N PRO A 238 -31.07 -4.52 15.13
CA PRO A 238 -31.63 -4.77 16.47
C PRO A 238 -30.77 -5.70 17.32
N LEU A 239 -30.11 -6.69 16.69
CA LEU A 239 -29.22 -7.64 17.37
C LEU A 239 -27.96 -6.93 17.86
N VAL A 240 -27.48 -5.92 17.09
CA VAL A 240 -26.33 -5.08 17.44
C VAL A 240 -26.73 -4.28 18.70
N TRP A 241 -27.98 -3.76 18.74
CA TRP A 241 -28.48 -3.06 19.94
C TRP A 241 -28.64 -4.06 21.09
N PHE A 242 -29.09 -5.30 20.80
CA PHE A 242 -29.25 -6.30 21.87
C PHE A 242 -27.89 -6.64 22.47
N TRP A 243 -26.83 -6.66 21.64
CA TRP A 243 -25.45 -6.86 22.10
C TRP A 243 -25.08 -5.73 23.05
N ILE A 244 -25.46 -4.46 22.70
CA ILE A 244 -25.22 -3.28 23.52
C ILE A 244 -25.86 -3.50 24.90
N LEU A 245 -27.14 -3.92 24.95
CA LEU A 245 -27.89 -4.15 26.20
C LEU A 245 -27.17 -5.15 27.11
N VAL A 246 -26.96 -6.40 26.64
CA VAL A 246 -26.32 -7.47 27.42
C VAL A 246 -24.86 -7.10 27.77
N GLY A 247 -24.15 -6.52 26.79
CA GLY A 247 -22.77 -6.07 26.93
C GLY A 247 -22.62 -5.04 28.04
N LEU A 248 -23.43 -3.98 27.97
CA LEU A 248 -23.46 -2.92 28.98
C LEU A 248 -23.88 -3.48 30.33
N ALA A 249 -25.01 -4.21 30.37
CA ALA A 249 -25.54 -4.84 31.58
C ALA A 249 -24.49 -5.64 32.33
N TYR A 250 -23.64 -6.41 31.61
CA TYR A 250 -22.60 -7.25 32.20
C TYR A 250 -21.51 -6.40 32.88
N PHE A 251 -20.92 -5.43 32.14
CA PHE A 251 -19.86 -4.58 32.68
C PHE A 251 -20.38 -3.58 33.72
N ALA A 252 -21.68 -3.23 33.69
CA ALA A 252 -22.32 -2.35 34.65
C ALA A 252 -22.52 -3.08 35.98
N ALA A 253 -22.82 -4.41 35.91
CA ALA A 253 -23.00 -5.31 37.05
C ALA A 253 -21.66 -5.57 37.74
N VAL A 254 -20.57 -5.65 36.94
CA VAL A 254 -19.19 -5.85 37.38
C VAL A 254 -18.74 -4.59 38.16
N LEU A 255 -19.00 -3.39 37.59
CA LEU A 255 -18.67 -2.09 38.16
C LEU A 255 -19.45 -1.83 39.44
N SER A 256 -20.73 -2.27 39.49
CA SER A 256 -21.59 -2.12 40.66
C SER A 256 -21.13 -3.02 41.81
N MET A 257 -20.57 -4.20 41.46
CA MET A 257 -20.05 -5.19 42.39
C MET A 257 -18.76 -4.67 43.07
N ILE A 258 -17.80 -4.12 42.28
CA ILE A 258 -16.52 -3.57 42.76
C ILE A 258 -16.78 -2.34 43.66
N GLY A 259 -17.68 -1.46 43.24
CA GLY A 259 -18.06 -0.27 44.01
C GLY A 259 -18.63 -0.63 45.36
N ASP A 260 -19.58 -1.59 45.38
CA ASP A 260 -20.26 -2.12 46.57
C ASP A 260 -19.25 -2.59 47.62
N TRP A 261 -18.23 -3.34 47.18
CA TRP A 261 -17.15 -3.89 48.01
C TRP A 261 -16.28 -2.79 48.60
N LEU A 262 -15.94 -1.77 47.78
CA LEU A 262 -15.11 -0.62 48.17
C LEU A 262 -15.78 0.22 49.26
N ARG A 263 -17.12 0.41 49.17
CA ARG A 263 -17.90 1.17 50.14
C ARG A 263 -18.04 0.36 51.45
N VAL A 264 -18.06 -0.99 51.34
CA VAL A 264 -18.12 -1.93 52.47
C VAL A 264 -16.75 -1.90 53.18
N LEU A 265 -15.65 -1.87 52.39
CA LEU A 265 -14.27 -1.78 52.87
C LEU A 265 -14.00 -0.41 53.48
N SER A 266 -14.67 0.65 52.98
CA SER A 266 -14.58 2.02 53.47
C SER A 266 -15.12 2.12 54.91
N LYS A 267 -16.21 1.38 55.20
CA LYS A 267 -16.83 1.31 56.53
C LYS A 267 -15.95 0.44 57.43
N LYS A 268 -15.60 -0.78 56.98
CA LYS A 268 -14.73 -1.73 57.69
C LYS A 268 -13.24 -1.45 57.43
N LYS B 8 -36.20 -9.61 40.92
CA LYS B 8 -36.99 -10.70 40.34
C LYS B 8 -36.89 -10.70 38.81
N TRP B 9 -36.84 -11.90 38.18
CA TRP B 9 -36.75 -12.04 36.72
C TRP B 9 -38.08 -11.72 36.03
N LYS B 10 -39.21 -11.90 36.74
CA LYS B 10 -40.55 -11.61 36.23
C LYS B 10 -40.72 -10.11 35.95
N THR B 11 -40.02 -9.25 36.72
CA THR B 11 -40.05 -7.80 36.58
C THR B 11 -39.02 -7.32 35.53
N VAL B 12 -37.87 -8.01 35.41
CA VAL B 12 -36.81 -7.67 34.43
C VAL B 12 -37.36 -7.81 33.00
N VAL B 13 -38.14 -8.88 32.74
CA VAL B 13 -38.79 -9.14 31.46
C VAL B 13 -39.86 -8.06 31.22
N ALA B 14 -40.61 -7.68 32.28
CA ALA B 14 -41.64 -6.64 32.24
C ALA B 14 -41.04 -5.28 31.85
N ILE B 15 -39.84 -4.92 32.41
CA ILE B 15 -39.14 -3.67 32.09
C ILE B 15 -38.64 -3.76 30.62
N PHE B 16 -38.11 -4.94 30.22
CA PHE B 16 -37.62 -5.19 28.86
C PHE B 16 -38.72 -4.98 27.81
N VAL B 17 -39.97 -5.42 28.11
CA VAL B 17 -41.13 -5.27 27.24
C VAL B 17 -41.43 -3.77 27.07
N VAL B 18 -41.46 -3.01 28.20
CA VAL B 18 -41.72 -1.57 28.23
C VAL B 18 -40.68 -0.82 27.37
N VAL B 19 -39.37 -1.14 27.56
CA VAL B 19 -38.23 -0.53 26.87
C VAL B 19 -38.31 -0.80 25.34
N VAL B 20 -38.54 -2.07 24.92
CA VAL B 20 -38.64 -2.45 23.50
C VAL B 20 -39.87 -1.73 22.88
N VAL B 21 -40.98 -1.59 23.64
CA VAL B 21 -42.18 -0.87 23.20
C VAL B 21 -41.82 0.62 23.03
N TYR B 22 -41.08 1.19 24.01
CA TYR B 22 -40.63 2.59 24.05
C TYR B 22 -39.73 2.92 22.85
N LEU B 23 -38.91 1.95 22.38
CA LEU B 23 -38.01 2.14 21.23
C LEU B 23 -38.78 2.10 19.90
N VAL B 24 -39.75 1.18 19.77
CA VAL B 24 -40.60 1.04 18.58
C VAL B 24 -41.51 2.28 18.48
N THR B 25 -42.15 2.67 19.60
CA THR B 25 -43.02 3.85 19.70
C THR B 25 -42.23 5.12 19.36
N GLY B 26 -41.12 5.31 20.09
CA GLY B 26 -40.21 6.45 19.91
C GLY B 26 -39.63 6.54 18.52
N GLY B 27 -39.25 5.40 17.95
CA GLY B 27 -38.70 5.29 16.61
C GLY B 27 -39.68 5.74 15.55
N LEU B 28 -40.97 5.41 15.72
CA LEU B 28 -42.05 5.80 14.82
C LEU B 28 -42.35 7.29 14.91
N VAL B 29 -42.16 7.90 16.10
CA VAL B 29 -42.38 9.34 16.33
C VAL B 29 -41.27 10.13 15.62
N PHE B 30 -39.99 9.68 15.78
CA PHE B 30 -38.82 10.29 15.15
C PHE B 30 -38.91 10.22 13.63
N ARG B 31 -39.34 9.06 13.09
CA ARG B 31 -39.51 8.84 11.65
C ARG B 31 -40.51 9.87 11.09
N ALA B 32 -41.65 10.04 11.78
CA ALA B 32 -42.70 10.98 11.41
C ALA B 32 -42.23 12.46 11.46
N LEU B 33 -41.27 12.76 12.34
CA LEU B 33 -40.71 14.11 12.55
C LEU B 33 -39.51 14.43 11.66
N GLU B 34 -38.72 13.42 11.26
CA GLU B 34 -37.47 13.62 10.52
C GLU B 34 -37.48 13.15 9.05
N GLN B 35 -38.25 12.10 8.70
CA GLN B 35 -38.31 11.61 7.32
C GLN B 35 -38.84 12.69 6.34
N PRO B 36 -39.82 13.59 6.66
CA PRO B 36 -40.20 14.62 5.69
C PRO B 36 -39.06 15.61 5.41
N PHE B 37 -38.22 15.90 6.43
CA PHE B 37 -37.06 16.79 6.32
C PHE B 37 -35.93 16.12 5.53
N GLU B 38 -35.70 14.80 5.78
CA GLU B 38 -34.68 13.99 5.12
C GLU B 38 -34.99 13.88 3.63
N SER B 39 -36.28 13.68 3.29
CA SER B 39 -36.77 13.60 1.92
C SER B 39 -36.49 14.92 1.19
N SER B 40 -36.72 16.05 1.88
CA SER B 40 -36.52 17.41 1.37
C SER B 40 -35.05 17.70 1.09
N GLN B 41 -34.15 17.34 2.03
CA GLN B 41 -32.71 17.56 1.88
C GLN B 41 -32.09 16.64 0.83
N LYS B 42 -32.70 15.45 0.59
CA LYS B 42 -32.26 14.49 -0.43
C LYS B 42 -32.45 15.09 -1.83
N ASN B 43 -33.56 15.83 -2.01
CA ASN B 43 -33.93 16.50 -3.25
C ASN B 43 -33.11 17.78 -3.45
N THR B 44 -32.83 18.52 -2.37
CA THR B 44 -32.10 19.79 -2.42
C THR B 44 -30.62 19.59 -2.84
N ILE B 45 -29.90 18.58 -2.27
CA ILE B 45 -28.49 18.32 -2.62
C ILE B 45 -28.38 17.81 -4.08
N ALA B 46 -29.34 16.98 -4.53
CA ALA B 46 -29.37 16.45 -5.90
C ALA B 46 -29.57 17.59 -6.90
N LEU B 47 -30.46 18.57 -6.56
CA LEU B 47 -30.75 19.74 -7.39
C LEU B 47 -29.59 20.74 -7.38
N GLU B 48 -28.90 20.90 -6.25
CA GLU B 48 -27.76 21.81 -6.10
C GLU B 48 -26.54 21.29 -6.87
N LYS B 49 -26.27 19.96 -6.83
CA LYS B 49 -25.16 19.32 -7.54
C LYS B 49 -25.39 19.38 -9.04
N ALA B 50 -26.64 19.14 -9.49
CA ALA B 50 -27.02 19.19 -10.90
C ALA B 50 -26.94 20.62 -11.44
N GLU B 51 -27.27 21.62 -10.59
CA GLU B 51 -27.20 23.04 -10.94
C GLU B 51 -25.76 23.49 -11.12
N PHE B 52 -24.83 22.96 -10.30
CA PHE B 52 -23.41 23.28 -10.37
C PHE B 52 -22.83 22.84 -11.71
N LEU B 53 -23.08 21.56 -12.10
CA LEU B 53 -22.60 20.98 -13.36
C LEU B 53 -23.26 21.64 -14.59
N ARG B 54 -24.49 22.16 -14.43
CA ARG B 54 -25.26 22.84 -15.46
C ARG B 54 -24.68 24.22 -15.75
N ASP B 55 -24.27 24.95 -14.70
CA ASP B 55 -23.69 26.29 -14.80
C ASP B 55 -22.20 26.22 -15.16
N HIS B 56 -21.46 25.32 -14.49
CA HIS B 56 -20.03 25.10 -14.72
C HIS B 56 -19.86 23.86 -15.62
N VAL B 57 -19.97 24.09 -16.94
CA VAL B 57 -19.89 23.09 -18.00
C VAL B 57 -18.53 22.39 -18.04
N CYS B 58 -17.42 23.15 -17.78
CA CYS B 58 -16.03 22.69 -17.78
C CYS B 58 -15.77 21.56 -16.75
N VAL B 59 -16.68 21.38 -15.75
CA VAL B 59 -16.61 20.36 -14.70
C VAL B 59 -17.38 19.09 -15.13
N SER B 60 -16.76 17.92 -14.93
CA SER B 60 -17.37 16.62 -15.25
C SER B 60 -18.10 16.09 -14.00
N PRO B 61 -19.14 15.21 -14.12
CA PRO B 61 -19.84 14.74 -12.92
C PRO B 61 -18.96 13.92 -11.97
N GLN B 62 -17.95 13.20 -12.52
CA GLN B 62 -17.01 12.40 -11.73
C GLN B 62 -16.02 13.28 -10.98
N GLU B 63 -15.51 14.36 -11.63
CA GLU B 63 -14.55 15.31 -11.02
C GLU B 63 -15.23 16.09 -9.88
N LEU B 64 -16.56 16.24 -9.95
CA LEU B 64 -17.39 16.88 -8.92
C LEU B 64 -17.41 16.00 -7.69
N GLU B 65 -17.72 14.69 -7.86
CA GLU B 65 -17.77 13.70 -6.77
C GLU B 65 -16.44 13.56 -6.06
N THR B 66 -15.32 13.63 -6.83
CA THR B 66 -13.96 13.55 -6.34
C THR B 66 -13.71 14.68 -5.34
N LEU B 67 -14.11 15.93 -5.71
CA LEU B 67 -13.98 17.13 -4.86
C LEU B 67 -14.86 17.02 -3.62
N ILE B 68 -16.12 16.56 -3.76
CA ILE B 68 -17.05 16.41 -2.64
C ILE B 68 -16.48 15.37 -1.68
N GLN B 69 -15.96 14.23 -2.20
CA GLN B 69 -15.34 13.17 -1.40
C GLN B 69 -14.13 13.71 -0.64
N HIS B 70 -13.28 14.54 -1.31
CA HIS B 70 -12.11 15.18 -0.72
C HIS B 70 -12.51 16.14 0.40
N ALA B 71 -13.62 16.88 0.21
CA ALA B 71 -14.17 17.82 1.20
C ALA B 71 -14.75 17.07 2.39
N LEU B 72 -15.36 15.89 2.14
CA LEU B 72 -15.94 15.04 3.19
C LEU B 72 -14.84 14.36 4.00
N ASP B 73 -13.78 13.88 3.32
CA ASP B 73 -12.62 13.23 3.95
C ASP B 73 -11.89 14.19 4.88
N ALA B 74 -11.81 15.48 4.50
CA ALA B 74 -11.19 16.53 5.30
C ALA B 74 -12.04 16.81 6.53
N ASP B 75 -13.38 16.80 6.37
CA ASP B 75 -14.34 17.02 7.44
C ASP B 75 -14.30 15.88 8.47
N ASN B 76 -14.16 14.63 7.98
CA ASN B 76 -14.05 13.42 8.81
C ASN B 76 -12.77 13.44 9.65
N ALA B 77 -11.69 14.02 9.09
CA ALA B 77 -10.40 14.17 9.76
C ALA B 77 -10.47 15.29 10.81
N GLY B 78 -11.35 16.26 10.60
CA GLY B 78 -11.57 17.39 11.50
C GLY B 78 -11.14 18.75 10.95
N VAL B 79 -10.78 18.79 9.66
CA VAL B 79 -10.35 20.01 8.96
C VAL B 79 -11.53 20.57 8.15
N SER B 80 -11.91 21.83 8.42
CA SER B 80 -13.01 22.51 7.73
C SER B 80 -12.65 22.77 6.27
N PRO B 81 -13.43 22.23 5.30
CA PRO B 81 -13.10 22.47 3.88
C PRO B 81 -13.66 23.81 3.38
N ILE B 82 -13.86 24.77 4.30
CA ILE B 82 -14.34 26.11 4.01
C ILE B 82 -13.22 27.12 4.33
N GLY B 83 -12.79 27.86 3.32
CA GLY B 83 -11.73 28.85 3.43
C GLY B 83 -10.33 28.27 3.49
N SER B 90 -6.57 25.52 15.13
CA SER B 90 -6.30 24.10 15.39
C SER B 90 -7.30 23.50 16.38
N HIS B 91 -7.58 22.19 16.24
CA HIS B 91 -8.50 21.43 17.09
C HIS B 91 -7.75 20.60 18.14
N TRP B 92 -6.42 20.56 18.06
CA TRP B 92 -5.61 19.75 18.98
C TRP B 92 -4.64 20.59 19.84
N ASP B 93 -4.96 21.89 20.06
CA ASP B 93 -4.15 22.78 20.90
C ASP B 93 -4.33 22.38 22.37
N LEU B 94 -3.39 22.76 23.25
CA LEU B 94 -3.38 22.45 24.70
C LEU B 94 -4.75 22.59 25.38
N GLY B 95 -5.55 23.56 24.93
CA GLY B 95 -6.89 23.82 25.45
C GLY B 95 -7.95 22.91 24.89
N SER B 96 -7.99 22.77 23.54
CA SER B 96 -8.97 21.96 22.81
C SER B 96 -8.75 20.45 23.04
N ALA B 97 -7.48 20.02 23.17
CA ALA B 97 -7.11 18.64 23.43
C ALA B 97 -7.44 18.25 24.87
N PHE B 98 -7.44 19.24 25.80
CA PHE B 98 -7.81 19.07 27.21
C PHE B 98 -9.33 18.85 27.28
N PHE B 99 -10.10 19.63 26.50
CA PHE B 99 -11.55 19.53 26.43
C PHE B 99 -11.96 18.20 25.80
N PHE B 100 -11.23 17.73 24.75
CA PHE B 100 -11.50 16.44 24.09
C PHE B 100 -11.25 15.30 25.07
N ALA B 101 -10.20 15.41 25.90
CA ALA B 101 -9.87 14.41 26.91
C ALA B 101 -11.04 14.27 27.90
N GLY B 102 -11.61 15.41 28.30
CA GLY B 102 -12.77 15.49 29.18
C GLY B 102 -14.04 14.97 28.54
N THR B 103 -14.14 15.09 27.20
CA THR B 103 -15.26 14.62 26.37
C THR B 103 -15.28 13.08 26.36
N VAL B 104 -14.09 12.44 26.48
CA VAL B 104 -13.94 10.98 26.53
C VAL B 104 -14.33 10.49 27.94
N ILE B 105 -13.70 11.11 28.96
CA ILE B 105 -13.83 10.85 30.40
C ILE B 105 -15.32 10.90 30.86
N THR B 106 -16.06 11.96 30.49
CA THR B 106 -17.46 12.15 30.88
C THR B 106 -18.42 11.20 30.13
N THR B 107 -17.93 10.49 29.09
CA THR B 107 -18.63 9.56 28.20
C THR B 107 -19.58 10.32 27.23
N ILE B 108 -19.41 11.65 27.10
CA ILE B 108 -20.22 12.50 26.22
C ILE B 108 -19.89 12.14 24.77
N GLY B 109 -18.59 12.12 24.43
CA GLY B 109 -18.07 11.76 23.11
C GLY B 109 -18.80 12.38 21.94
N TYR B 110 -18.66 13.72 21.79
CA TYR B 110 -19.32 14.51 20.75
C TYR B 110 -19.08 13.92 19.34
N GLY B 111 -17.83 13.85 18.93
CA GLY B 111 -17.47 13.31 17.63
C GLY B 111 -16.89 14.31 16.64
N ASN B 112 -17.07 15.63 16.91
CA ASN B 112 -16.53 16.72 16.09
C ASN B 112 -14.99 16.58 16.01
N ILE B 113 -14.38 16.26 17.16
CA ILE B 113 -12.95 15.97 17.33
C ILE B 113 -12.87 14.50 17.73
N ALA B 114 -12.25 13.67 16.87
CA ALA B 114 -12.12 12.23 17.11
C ALA B 114 -10.73 11.73 16.65
N PRO B 115 -10.10 10.74 17.34
CA PRO B 115 -8.77 10.28 16.91
C PRO B 115 -8.80 9.64 15.53
N SER B 116 -7.95 10.15 14.62
CA SER B 116 -7.82 9.70 13.22
C SER B 116 -6.59 8.81 13.04
N THR B 117 -5.55 8.98 13.87
CA THR B 117 -4.31 8.19 13.85
C THR B 117 -4.58 6.83 14.50
N GLU B 118 -3.97 5.77 13.95
CA GLU B 118 -4.07 4.40 14.48
C GLU B 118 -3.58 4.36 15.93
N GLY B 119 -2.49 5.08 16.21
CA GLY B 119 -1.89 5.21 17.52
C GLY B 119 -2.75 6.04 18.46
N GLY B 120 -3.41 7.05 17.90
CA GLY B 120 -4.32 7.93 18.61
C GLY B 120 -5.57 7.20 19.08
N LYS B 121 -5.99 6.18 18.31
CA LYS B 121 -7.12 5.32 18.62
C LYS B 121 -6.74 4.38 19.76
N ILE B 122 -5.54 3.76 19.66
CA ILE B 122 -4.98 2.83 20.66
C ILE B 122 -4.92 3.50 22.03
N PHE B 123 -4.47 4.77 22.07
CA PHE B 123 -4.39 5.54 23.31
C PHE B 123 -5.79 5.90 23.80
N CYS B 124 -6.72 6.22 22.88
CA CYS B 124 -8.12 6.58 23.20
C CYS B 124 -8.86 5.42 23.87
N ILE B 125 -8.53 4.16 23.47
CA ILE B 125 -9.10 2.92 24.03
C ILE B 125 -8.62 2.78 25.48
N LEU B 126 -7.32 2.96 25.72
CA LEU B 126 -6.70 2.85 27.05
C LEU B 126 -7.07 4.03 27.95
N TYR B 127 -7.21 5.23 27.38
CA TYR B 127 -7.55 6.45 28.11
C TYR B 127 -9.00 6.40 28.62
N ALA B 128 -9.89 5.71 27.89
CA ALA B 128 -11.29 5.56 28.28
C ALA B 128 -11.45 4.47 29.33
N ILE B 129 -10.80 3.30 29.12
CA ILE B 129 -10.86 2.13 30.01
C ILE B 129 -10.31 2.51 31.42
N PHE B 130 -9.12 3.15 31.47
CA PHE B 130 -8.48 3.54 32.74
C PHE B 130 -8.76 5.02 33.09
N GLY B 131 -9.82 5.58 32.53
CA GLY B 131 -10.18 6.96 32.76
C GLY B 131 -11.60 7.23 33.18
N ILE B 132 -12.59 6.55 32.56
CA ILE B 132 -14.02 6.69 32.88
C ILE B 132 -14.26 6.27 34.37
N PRO B 133 -13.72 5.13 34.91
CA PRO B 133 -13.94 4.82 36.33
C PRO B 133 -13.27 5.86 37.28
N LEU B 134 -12.16 6.51 36.85
CA LEU B 134 -11.47 7.56 37.61
C LEU B 134 -12.41 8.75 37.80
N PHE B 135 -13.20 9.07 36.76
CA PHE B 135 -14.19 10.15 36.79
C PHE B 135 -15.34 9.77 37.73
N GLY B 136 -15.61 8.46 37.85
CA GLY B 136 -16.62 7.91 38.74
C GLY B 136 -16.34 8.29 40.18
N PHE B 137 -15.06 8.21 40.58
CA PHE B 137 -14.57 8.58 41.90
C PHE B 137 -14.87 10.05 42.21
N LEU B 138 -14.54 10.96 41.27
CA LEU B 138 -14.75 12.39 41.41
C LEU B 138 -16.23 12.74 41.45
N LEU B 139 -17.03 12.09 40.60
CA LEU B 139 -18.47 12.28 40.54
C LEU B 139 -19.12 11.74 41.83
N ALA B 140 -18.57 10.62 42.36
CA ALA B 140 -19.03 9.99 43.60
C ALA B 140 -18.70 10.85 44.80
N GLY B 141 -17.54 11.50 44.76
CA GLY B 141 -17.03 12.39 45.80
C GLY B 141 -17.91 13.61 45.98
N ILE B 142 -18.21 14.29 44.85
CA ILE B 142 -19.10 15.46 44.82
C ILE B 142 -20.52 14.98 45.15
N GLY B 143 -20.84 13.76 44.72
CA GLY B 143 -22.11 13.08 44.99
C GLY B 143 -22.35 12.87 46.47
N ASP B 144 -21.29 12.48 47.21
CA ASP B 144 -21.33 12.27 48.66
C ASP B 144 -21.42 13.60 49.39
N GLN B 145 -20.80 14.65 48.83
CA GLN B 145 -20.81 16.01 49.39
C GLN B 145 -22.18 16.67 49.23
N LEU B 146 -22.82 16.52 48.04
CA LEU B 146 -24.14 17.07 47.77
C LEU B 146 -25.21 16.32 48.55
N GLY B 147 -24.95 15.05 48.85
CA GLY B 147 -25.85 14.22 49.65
C GLY B 147 -26.02 14.80 51.04
N THR B 148 -24.90 15.30 51.62
CA THR B 148 -24.82 15.93 52.95
C THR B 148 -25.68 17.19 52.97
N ILE B 149 -25.72 17.95 51.85
CA ILE B 149 -26.50 19.19 51.69
C ILE B 149 -28.00 18.83 51.61
N PHE B 150 -28.36 17.79 50.79
CA PHE B 150 -29.74 17.35 50.62
C PHE B 150 -30.30 16.73 51.90
N GLY B 151 -29.53 15.81 52.49
CA GLY B 151 -29.86 15.10 53.73
C GLY B 151 -30.17 16.02 54.89
N LYS B 152 -29.36 17.08 55.04
CA LYS B 152 -29.52 18.10 56.09
C LYS B 152 -30.77 18.94 55.83
N SER B 153 -31.10 19.20 54.55
CA SER B 153 -32.27 19.99 54.14
C SER B 153 -33.59 19.24 54.38
N ILE B 154 -33.62 17.92 54.07
CA ILE B 154 -34.81 17.07 54.28
C ILE B 154 -35.02 16.91 55.81
N ALA B 155 -33.91 16.78 56.59
CA ALA B 155 -33.95 16.67 58.05
C ALA B 155 -34.47 17.95 58.70
N ARG B 156 -34.21 19.11 58.07
CA ARG B 156 -34.68 20.43 58.53
C ARG B 156 -36.20 20.57 58.33
N VAL B 157 -36.71 20.04 57.19
CA VAL B 157 -38.14 20.04 56.83
C VAL B 157 -38.84 19.00 57.72
N GLU B 158 -38.19 17.83 57.97
CA GLU B 158 -38.69 16.75 58.82
C GLU B 158 -38.76 17.18 60.28
N LYS B 159 -37.98 18.21 60.68
CA LYS B 159 -37.98 18.78 62.02
C LYS B 159 -39.23 19.64 62.24
N VAL B 160 -39.84 20.11 61.13
CA VAL B 160 -41.03 20.95 61.13
C VAL B 160 -42.29 20.11 60.79
N PHE B 161 -42.40 19.63 59.53
CA PHE B 161 -43.52 18.87 58.96
C PHE B 161 -43.83 17.60 59.75
N SER B 167 -46.34 12.71 56.24
CA SER B 167 -45.60 11.47 55.99
C SER B 167 -44.19 11.75 55.46
N GLN B 168 -43.23 10.88 55.81
CA GLN B 168 -41.81 10.96 55.41
C GLN B 168 -41.64 10.93 53.89
N THR B 169 -42.51 10.18 53.17
CA THR B 169 -42.48 10.06 51.72
C THR B 169 -42.88 11.39 51.06
N LYS B 170 -43.89 12.10 51.63
CA LYS B 170 -44.36 13.40 51.14
C LYS B 170 -43.29 14.48 51.27
N ILE B 171 -42.53 14.45 52.39
CA ILE B 171 -41.41 15.37 52.69
C ILE B 171 -40.29 15.12 51.67
N ARG B 172 -40.01 13.82 51.39
CA ARG B 172 -38.98 13.39 50.45
C ARG B 172 -39.31 13.78 49.00
N VAL B 173 -40.56 13.57 48.55
CA VAL B 173 -41.02 13.87 47.18
C VAL B 173 -40.99 15.40 46.94
N ILE B 174 -41.52 16.22 47.88
CA ILE B 174 -41.55 17.69 47.77
C ILE B 174 -40.13 18.27 47.67
N SER B 175 -39.22 17.86 48.60
CA SER B 175 -37.84 18.32 48.66
C SER B 175 -37.06 17.95 47.40
N THR B 176 -37.19 16.69 46.92
CA THR B 176 -36.49 16.17 45.74
C THR B 176 -36.85 17.00 44.50
N ILE B 177 -38.17 17.25 44.26
CA ILE B 177 -38.67 18.05 43.14
C ILE B 177 -38.02 19.44 43.17
N LEU B 178 -37.88 20.04 44.38
CA LEU B 178 -37.22 21.32 44.59
C LEU B 178 -35.72 21.22 44.24
N PHE B 179 -35.04 20.12 44.65
CA PHE B 179 -33.62 19.89 44.32
C PHE B 179 -33.45 19.77 42.81
N ILE B 180 -34.38 19.06 42.13
CA ILE B 180 -34.41 18.86 40.68
C ILE B 180 -34.55 20.23 39.99
N LEU B 181 -35.59 21.01 40.37
CA LEU B 181 -35.87 22.33 39.80
C LEU B 181 -34.76 23.34 40.12
N ALA B 182 -34.03 23.19 41.25
CA ALA B 182 -32.90 24.04 41.61
C ALA B 182 -31.78 23.86 40.58
N GLY B 183 -31.52 22.61 40.21
CA GLY B 183 -30.52 22.24 39.21
C GLY B 183 -30.95 22.60 37.80
N CYS B 184 -32.27 22.63 37.56
CA CYS B 184 -32.85 22.98 36.26
C CYS B 184 -32.73 24.47 35.94
N ILE B 185 -32.41 25.29 36.97
CA ILE B 185 -32.24 26.73 36.80
C ILE B 185 -30.73 27.05 36.71
N VAL B 186 -29.94 26.57 37.70
CA VAL B 186 -28.50 26.81 37.83
C VAL B 186 -27.68 26.06 36.75
N PHE B 187 -27.98 24.78 36.46
CA PHE B 187 -27.21 23.97 35.50
C PHE B 187 -27.90 23.75 34.14
N VAL B 188 -29.18 24.09 34.01
CA VAL B 188 -29.87 23.87 32.74
C VAL B 188 -30.28 25.21 32.10
N THR B 189 -31.11 26.03 32.77
CA THR B 189 -31.62 27.30 32.23
C THR B 189 -30.50 28.35 32.06
N ILE B 190 -29.83 28.75 33.17
CA ILE B 190 -28.75 29.76 33.18
C ILE B 190 -27.65 29.44 32.13
N PRO B 191 -27.05 28.21 32.04
CA PRO B 191 -26.02 27.97 31.03
C PRO B 191 -26.56 28.03 29.59
N ALA B 192 -27.81 27.59 29.34
CA ALA B 192 -28.45 27.64 28.02
C ALA B 192 -28.59 29.10 27.55
N VAL B 193 -28.88 30.02 28.48
CA VAL B 193 -29.02 31.47 28.25
C VAL B 193 -27.65 32.02 27.81
N ILE B 194 -26.56 31.61 28.51
CA ILE B 194 -25.17 32.01 28.21
C ILE B 194 -24.78 31.50 26.80
N PHE B 195 -25.10 30.22 26.50
CA PHE B 195 -24.81 29.59 25.20
C PHE B 195 -25.58 30.25 24.05
N LYS B 196 -26.77 30.82 24.34
CA LYS B 196 -27.60 31.51 23.34
C LYS B 196 -26.96 32.83 22.92
N TYR B 197 -26.20 33.46 23.84
CA TYR B 197 -25.52 34.74 23.60
C TYR B 197 -24.09 34.54 23.07
N ILE B 198 -23.33 33.56 23.61
CA ILE B 198 -21.95 33.32 23.19
C ILE B 198 -21.90 32.65 21.82
N GLU B 199 -22.48 31.43 21.69
CA GLU B 199 -22.49 30.66 20.44
C GLU B 199 -23.42 31.27 19.39
N GLY B 200 -24.48 31.94 19.84
CA GLY B 200 -25.47 32.57 18.98
C GLY B 200 -26.55 31.65 18.46
N TRP B 201 -26.80 30.52 19.18
CA TRP B 201 -27.82 29.53 18.82
C TRP B 201 -29.23 30.04 19.13
N THR B 202 -30.27 29.31 18.68
CA THR B 202 -31.67 29.64 18.95
C THR B 202 -32.01 29.22 20.38
N ALA B 203 -33.16 29.69 20.91
CA ALA B 203 -33.65 29.37 22.26
C ALA B 203 -33.80 27.85 22.46
N LEU B 204 -34.17 27.13 21.39
CA LEU B 204 -34.33 25.68 21.36
C LEU B 204 -32.98 24.98 21.41
N GLU B 205 -32.08 25.29 20.44
CA GLU B 205 -30.74 24.72 20.25
C GLU B 205 -29.87 24.84 21.50
N SER B 206 -30.03 25.93 22.27
CA SER B 206 -29.29 26.20 23.50
C SER B 206 -29.71 25.23 24.61
N ILE B 207 -31.05 25.05 24.81
CA ILE B 207 -31.61 24.12 25.80
C ILE B 207 -31.33 22.68 25.35
N TYR B 208 -31.45 22.42 24.02
CA TYR B 208 -31.20 21.12 23.39
C TYR B 208 -29.76 20.69 23.62
N PHE B 209 -28.78 21.60 23.41
CA PHE B 209 -27.36 21.32 23.62
C PHE B 209 -27.09 20.96 25.07
N VAL B 210 -27.60 21.78 26.03
CA VAL B 210 -27.46 21.57 27.47
C VAL B 210 -28.01 20.16 27.88
N VAL B 211 -29.20 19.79 27.36
CA VAL B 211 -29.85 18.50 27.61
C VAL B 211 -28.95 17.37 27.08
N VAL B 212 -28.58 17.43 25.77
CA VAL B 212 -27.74 16.44 25.07
C VAL B 212 -26.34 16.33 25.76
N THR B 213 -25.82 17.41 26.37
CA THR B 213 -24.54 17.41 27.07
C THR B 213 -24.67 16.75 28.44
N LEU B 214 -25.60 17.23 29.29
CA LEU B 214 -25.80 16.71 30.66
C LEU B 214 -26.35 15.27 30.71
N THR B 215 -26.99 14.78 29.63
CA THR B 215 -27.47 13.39 29.54
C THR B 215 -26.33 12.45 29.13
N THR B 216 -25.13 13.02 28.81
CA THR B 216 -23.89 12.39 28.35
C THR B 216 -24.10 11.70 26.98
N VAL B 217 -25.19 12.07 26.27
CA VAL B 217 -25.54 11.54 24.95
C VAL B 217 -24.51 12.06 23.94
N GLY B 218 -24.35 13.40 23.88
CA GLY B 218 -23.39 14.09 23.05
C GLY B 218 -23.34 13.69 21.59
N PHE B 219 -24.31 14.15 20.79
CA PHE B 219 -24.39 13.85 19.36
C PHE B 219 -23.25 14.51 18.60
N GLY B 220 -22.88 15.71 19.01
CA GLY B 220 -21.81 16.47 18.38
C GLY B 220 -22.30 17.41 17.29
N ASP B 221 -23.63 17.46 17.06
CA ASP B 221 -24.30 18.33 16.08
C ASP B 221 -24.23 19.79 16.56
N PHE B 222 -24.04 19.98 17.87
CA PHE B 222 -23.84 21.26 18.55
C PHE B 222 -22.73 21.07 19.56
N VAL B 223 -21.63 21.82 19.41
CA VAL B 223 -20.46 21.74 20.29
C VAL B 223 -20.06 23.15 20.69
N ALA B 224 -19.91 23.38 22.01
CA ALA B 224 -19.48 24.67 22.54
C ALA B 224 -18.00 24.90 22.23
N GLY B 225 -17.72 26.06 21.65
CA GLY B 225 -16.37 26.45 21.23
C GLY B 225 -15.94 25.76 19.94
N GLY B 226 -16.82 25.80 18.94
CA GLY B 226 -16.59 25.21 17.63
C GLY B 226 -16.80 26.17 16.50
N ARG B 233 -12.81 33.33 23.42
CA ARG B 233 -12.06 33.49 24.67
C ARG B 233 -11.32 32.20 25.05
N GLU B 234 -10.14 32.33 25.67
CA GLU B 234 -9.30 31.21 26.09
C GLU B 234 -9.90 30.43 27.27
N TRP B 235 -10.52 31.15 28.23
CA TRP B 235 -11.13 30.59 29.44
C TRP B 235 -12.45 29.86 29.18
N TYR B 236 -13.03 29.99 27.96
CA TYR B 236 -14.31 29.39 27.56
C TYR B 236 -14.32 27.86 27.69
N LYS B 237 -13.58 27.12 26.83
CA LYS B 237 -13.54 25.65 26.83
C LYS B 237 -13.23 25.03 28.22
N PRO B 238 -12.25 25.51 29.05
CA PRO B 238 -12.08 24.89 30.38
C PRO B 238 -13.25 25.17 31.32
N LEU B 239 -13.90 26.37 31.20
CA LEU B 239 -15.05 26.73 32.02
C LEU B 239 -16.30 25.92 31.61
N VAL B 240 -16.39 25.51 30.33
CA VAL B 240 -17.47 24.69 29.80
C VAL B 240 -17.36 23.29 30.45
N TRP B 241 -16.13 22.72 30.51
CA TRP B 241 -15.90 21.42 31.15
C TRP B 241 -16.17 21.50 32.66
N PHE B 242 -15.79 22.61 33.33
CA PHE B 242 -16.07 22.75 34.76
C PHE B 242 -17.59 22.74 35.00
N TRP B 243 -18.37 23.37 34.09
CA TRP B 243 -19.83 23.39 34.17
C TRP B 243 -20.36 21.96 34.06
N ILE B 244 -19.80 21.17 33.11
CA ILE B 244 -20.16 19.77 32.86
C ILE B 244 -19.92 18.95 34.13
N LEU B 245 -18.72 19.10 34.75
CA LEU B 245 -18.34 18.39 35.98
C LEU B 245 -19.31 18.66 37.15
N VAL B 246 -19.65 19.94 37.41
CA VAL B 246 -20.56 20.30 38.52
C VAL B 246 -22.00 19.88 38.16
N GLY B 247 -22.42 20.21 36.93
CA GLY B 247 -23.74 19.92 36.37
C GLY B 247 -24.09 18.45 36.42
N LEU B 248 -23.13 17.59 36.04
CA LEU B 248 -23.32 16.15 36.08
C LEU B 248 -23.38 15.68 37.52
N ALA B 249 -22.40 16.12 38.33
CA ALA B 249 -22.24 15.78 39.74
C ALA B 249 -23.50 16.04 40.55
N TYR B 250 -24.20 17.15 40.25
CA TYR B 250 -25.42 17.54 40.95
C TYR B 250 -26.57 16.57 40.65
N PHE B 251 -26.89 16.33 39.38
CA PHE B 251 -27.98 15.43 39.03
C PHE B 251 -27.65 13.98 39.39
N ALA B 252 -26.36 13.59 39.28
CA ALA B 252 -25.88 12.25 39.65
C ALA B 252 -26.13 11.98 41.14
N ALA B 253 -25.97 13.03 41.99
CA ALA B 253 -26.21 12.99 43.43
C ALA B 253 -27.70 12.80 43.73
N VAL B 254 -28.59 13.49 42.98
CA VAL B 254 -30.06 13.41 43.11
C VAL B 254 -30.52 12.01 42.68
N LEU B 255 -29.97 11.49 41.56
CA LEU B 255 -30.29 10.14 41.03
C LEU B 255 -29.82 9.05 42.01
N SER B 256 -28.68 9.26 42.67
CA SER B 256 -28.12 8.35 43.67
C SER B 256 -29.04 8.31 44.88
N MET B 257 -29.45 9.49 45.35
CA MET B 257 -30.35 9.72 46.49
C MET B 257 -31.71 9.05 46.27
N ILE B 258 -32.28 9.14 45.05
CA ILE B 258 -33.58 8.54 44.70
C ILE B 258 -33.44 7.00 44.62
N GLY B 259 -32.37 6.54 43.97
CA GLY B 259 -32.07 5.11 43.81
C GLY B 259 -31.94 4.38 45.13
N ASP B 260 -31.09 4.93 46.02
CA ASP B 260 -30.81 4.43 47.37
C ASP B 260 -32.11 4.23 48.17
N TRP B 261 -33.07 5.18 48.04
CA TRP B 261 -34.37 5.14 48.70
C TRP B 261 -35.23 4.00 48.16
N LEU B 262 -35.24 3.81 46.82
CA LEU B 262 -36.02 2.78 46.13
C LEU B 262 -35.58 1.37 46.54
N ARG B 263 -34.27 1.15 46.70
CA ARG B 263 -33.69 -0.14 47.11
C ARG B 263 -33.98 -0.40 48.59
N VAL B 264 -34.06 0.69 49.40
CA VAL B 264 -34.39 0.66 50.84
C VAL B 264 -35.89 0.33 50.97
N LEU B 265 -36.74 0.94 50.10
CA LEU B 265 -38.19 0.71 50.03
C LEU B 265 -38.48 -0.70 49.50
N SER B 266 -37.60 -1.24 48.63
CA SER B 266 -37.69 -2.60 48.08
C SER B 266 -37.54 -3.65 49.19
N LYS B 267 -36.66 -3.38 50.18
CA LYS B 267 -36.44 -4.25 51.33
C LYS B 267 -37.56 -4.06 52.35
N TRP C 9 -0.96 4.99 -35.62
CA TRP C 9 0.34 5.57 -35.91
C TRP C 9 0.59 6.84 -35.07
N LYS C 10 -0.48 7.55 -34.67
CA LYS C 10 -0.43 8.77 -33.85
C LYS C 10 0.17 8.45 -32.46
N THR C 11 -0.09 7.24 -31.95
CA THR C 11 0.39 6.77 -30.65
C THR C 11 1.81 6.18 -30.75
N VAL C 12 2.16 5.54 -31.91
CA VAL C 12 3.49 4.94 -32.16
C VAL C 12 4.56 6.04 -32.14
N VAL C 13 4.25 7.20 -32.77
CA VAL C 13 5.13 8.38 -32.81
C VAL C 13 5.25 8.96 -31.39
N ALA C 14 4.13 8.97 -30.63
CA ALA C 14 4.09 9.45 -29.24
C ALA C 14 4.99 8.60 -28.33
N ILE C 15 4.98 7.25 -28.50
CA ILE C 15 5.84 6.33 -27.73
C ILE C 15 7.30 6.55 -28.17
N PHE C 16 7.55 6.73 -29.49
CA PHE C 16 8.87 6.97 -30.05
C PHE C 16 9.51 8.24 -29.46
N VAL C 17 8.71 9.30 -29.26
CA VAL C 17 9.17 10.56 -28.66
C VAL C 17 9.61 10.32 -27.22
N VAL C 18 8.78 9.58 -26.44
CA VAL C 18 9.05 9.23 -25.04
C VAL C 18 10.35 8.42 -24.92
N VAL C 19 10.53 7.39 -25.79
CA VAL C 19 11.70 6.50 -25.84
C VAL C 19 12.98 7.29 -26.17
N VAL C 20 12.96 8.14 -27.23
CA VAL C 20 14.11 8.96 -27.65
C VAL C 20 14.47 9.94 -26.50
N VAL C 21 13.45 10.50 -25.80
CA VAL C 21 13.66 11.39 -24.65
C VAL C 21 14.31 10.58 -23.51
N TYR C 22 13.82 9.35 -23.25
CA TYR C 22 14.30 8.42 -22.22
C TYR C 22 15.77 8.03 -22.46
N LEU C 23 16.20 7.91 -23.74
CA LEU C 23 17.58 7.57 -24.08
C LEU C 23 18.53 8.76 -23.89
N VAL C 24 18.09 9.98 -24.25
CA VAL C 24 18.86 11.22 -24.09
C VAL C 24 19.00 11.52 -22.58
N THR C 25 17.87 11.43 -21.84
CA THR C 25 17.82 11.65 -20.38
C THR C 25 18.72 10.63 -19.68
N GLY C 26 18.48 9.34 -19.94
CA GLY C 26 19.23 8.22 -19.39
C GLY C 26 20.71 8.27 -19.70
N GLY C 27 21.03 8.62 -20.95
CA GLY C 27 22.41 8.76 -21.44
C GLY C 27 23.19 9.82 -20.69
N LEU C 28 22.53 10.95 -20.37
CA LEU C 28 23.11 12.07 -19.62
C LEU C 28 23.34 11.69 -18.15
N VAL C 29 22.48 10.81 -17.58
CA VAL C 29 22.59 10.33 -16.20
C VAL C 29 23.81 9.39 -16.10
N PHE C 30 23.94 8.44 -17.06
CA PHE C 30 25.05 7.49 -17.13
C PHE C 30 26.39 8.20 -17.32
N ARG C 31 26.43 9.24 -18.19
CA ARG C 31 27.63 10.04 -18.45
C ARG C 31 28.10 10.70 -17.15
N ALA C 32 27.16 11.29 -16.39
CA ALA C 32 27.41 11.96 -15.10
C ALA C 32 27.91 10.97 -14.03
N LEU C 33 27.49 9.70 -14.12
CA LEU C 33 27.85 8.64 -13.16
C LEU C 33 29.13 7.88 -13.52
N GLU C 34 29.48 7.77 -14.82
CA GLU C 34 30.60 6.96 -15.28
C GLU C 34 31.80 7.74 -15.83
N GLN C 35 31.60 8.93 -16.45
CA GLN C 35 32.70 9.74 -17.00
C GLN C 35 33.71 10.15 -15.90
N PRO C 36 33.33 10.50 -14.63
CA PRO C 36 34.37 10.82 -13.62
C PRO C 36 35.26 9.61 -13.28
N PHE C 37 34.67 8.39 -13.31
CA PHE C 37 35.38 7.13 -13.05
C PHE C 37 36.29 6.77 -14.23
N GLU C 38 35.80 6.97 -15.47
CA GLU C 38 36.53 6.70 -16.72
C GLU C 38 37.76 7.62 -16.81
N SER C 39 37.59 8.90 -16.43
CA SER C 39 38.66 9.92 -16.42
C SER C 39 39.72 9.55 -15.40
N SER C 40 39.29 8.97 -14.26
CA SER C 40 40.14 8.53 -13.16
C SER C 40 40.98 7.31 -13.57
N GLN C 41 40.37 6.31 -14.24
CA GLN C 41 41.05 5.10 -14.69
C GLN C 41 41.96 5.33 -15.89
N LYS C 42 41.62 6.30 -16.77
CA LYS C 42 42.39 6.66 -17.97
C LYS C 42 43.78 7.17 -17.60
N ASN C 43 43.90 7.86 -16.45
CA ASN C 43 45.15 8.41 -15.91
C ASN C 43 45.90 7.35 -15.08
N THR C 44 45.16 6.40 -14.45
CA THR C 44 45.71 5.34 -13.61
C THR C 44 46.63 4.40 -14.43
N ILE C 45 46.12 3.87 -15.56
CA ILE C 45 46.89 2.97 -16.43
C ILE C 45 48.01 3.76 -17.16
N ALA C 46 47.75 5.05 -17.50
CA ALA C 46 48.73 5.93 -18.15
C ALA C 46 49.95 6.14 -17.26
N LEU C 47 49.73 6.19 -15.93
CA LEU C 47 50.78 6.33 -14.92
C LEU C 47 51.49 5.00 -14.68
N GLU C 48 50.75 3.87 -14.75
CA GLU C 48 51.29 2.52 -14.54
C GLU C 48 52.18 2.09 -15.72
N LYS C 49 51.76 2.40 -16.96
CA LYS C 49 52.51 2.10 -18.17
C LYS C 49 53.80 2.92 -18.22
N ALA C 50 53.72 4.22 -17.86
CA ALA C 50 54.87 5.13 -17.82
C ALA C 50 55.86 4.72 -16.74
N GLU C 51 55.36 4.19 -15.60
CA GLU C 51 56.18 3.71 -14.48
C GLU C 51 56.97 2.48 -14.88
N PHE C 52 56.35 1.58 -15.67
CA PHE C 52 56.96 0.35 -16.14
C PHE C 52 58.17 0.66 -17.03
N LEU C 53 58.00 1.54 -18.04
CA LEU C 53 59.04 1.95 -18.97
C LEU C 53 60.15 2.77 -18.28
N ARG C 54 59.80 3.46 -17.17
CA ARG C 54 60.72 4.28 -16.37
C ARG C 54 61.65 3.38 -15.55
N ASP C 55 61.10 2.29 -14.97
CA ASP C 55 61.86 1.33 -14.15
C ASP C 55 62.61 0.33 -15.04
N HIS C 56 61.94 -0.20 -16.08
CA HIS C 56 62.49 -1.16 -17.02
C HIS C 56 62.90 -0.40 -18.29
N VAL C 57 64.11 0.18 -18.25
CA VAL C 57 64.73 0.99 -19.32
C VAL C 57 64.92 0.16 -20.62
N CYS C 58 65.31 -1.12 -20.49
CA CYS C 58 65.58 -2.06 -21.58
C CYS C 58 64.33 -2.30 -22.49
N VAL C 59 63.12 -1.94 -22.01
CA VAL C 59 61.85 -2.07 -22.74
C VAL C 59 61.55 -0.77 -23.50
N SER C 60 61.14 -0.90 -24.78
CA SER C 60 60.76 0.22 -25.64
C SER C 60 59.25 0.48 -25.51
N PRO C 61 58.72 1.70 -25.77
CA PRO C 61 57.27 1.94 -25.63
C PRO C 61 56.43 1.12 -26.60
N GLN C 62 56.97 0.80 -27.80
CA GLN C 62 56.28 0.03 -28.83
C GLN C 62 56.23 -1.46 -28.44
N GLU C 63 57.34 -2.02 -27.88
CA GLU C 63 57.43 -3.42 -27.43
C GLU C 63 56.49 -3.67 -26.26
N LEU C 64 56.19 -2.61 -25.47
CA LEU C 64 55.26 -2.64 -24.35
C LEU C 64 53.84 -2.82 -24.88
N GLU C 65 53.45 -1.99 -25.88
CA GLU C 65 52.12 -2.02 -26.51
C GLU C 65 51.86 -3.37 -27.17
N THR C 66 52.90 -3.97 -27.79
CA THR C 66 52.86 -5.26 -28.46
C THR C 66 52.46 -6.34 -27.44
N LEU C 67 53.09 -6.34 -26.23
CA LEU C 67 52.81 -7.27 -25.14
C LEU C 67 51.39 -7.06 -24.58
N ILE C 68 50.97 -5.79 -24.38
CA ILE C 68 49.63 -5.46 -23.88
C ILE C 68 48.60 -5.96 -24.89
N GLN C 69 48.83 -5.71 -26.21
CA GLN C 69 47.94 -6.15 -27.29
C GLN C 69 47.84 -7.69 -27.30
N HIS C 70 48.99 -8.40 -27.11
CA HIS C 70 49.05 -9.87 -27.05
C HIS C 70 48.27 -10.40 -25.85
N ALA C 71 48.34 -9.69 -24.70
CA ALA C 71 47.63 -10.04 -23.47
C ALA C 71 46.12 -9.79 -23.63
N LEU C 72 45.75 -8.72 -24.36
CA LEU C 72 44.35 -8.38 -24.64
C LEU C 72 43.74 -9.37 -25.64
N ASP C 73 44.51 -9.77 -26.68
CA ASP C 73 44.09 -10.72 -27.71
C ASP C 73 43.80 -12.09 -27.10
N ALA C 74 44.61 -12.49 -26.10
CA ALA C 74 44.45 -13.75 -25.36
C ALA C 74 43.18 -13.69 -24.51
N ASP C 75 42.92 -12.53 -23.88
CA ASP C 75 41.74 -12.28 -23.05
C ASP C 75 40.45 -12.31 -23.90
N ASN C 76 40.50 -11.73 -25.12
CA ASN C 76 39.38 -11.70 -26.08
C ASN C 76 39.05 -13.11 -26.55
N ALA C 77 40.07 -13.98 -26.66
CA ALA C 77 39.92 -15.39 -27.05
C ALA C 77 39.32 -16.21 -25.90
N GLY C 78 39.56 -15.77 -24.66
CA GLY C 78 39.06 -16.40 -23.44
C GLY C 78 40.13 -17.04 -22.57
N VAL C 79 41.41 -16.81 -22.91
CA VAL C 79 42.58 -17.33 -22.20
C VAL C 79 43.15 -16.25 -21.27
N SER C 80 43.23 -16.54 -19.96
CA SER C 80 43.74 -15.61 -18.95
C SER C 80 45.25 -15.39 -19.15
N PRO C 81 45.71 -14.15 -19.40
CA PRO C 81 47.15 -13.92 -19.60
C PRO C 81 47.90 -13.80 -18.27
N ILE C 82 47.35 -14.38 -17.19
CA ILE C 82 47.93 -14.37 -15.85
C ILE C 82 48.27 -15.82 -15.46
N GLY C 83 49.54 -16.09 -15.23
CA GLY C 83 50.06 -17.40 -14.84
C GLY C 83 49.88 -18.53 -15.83
N ASN C 84 50.30 -19.75 -15.41
CA ASN C 84 50.22 -20.97 -16.23
C ASN C 84 48.90 -21.69 -15.96
N SER C 90 39.47 -24.95 -18.30
CA SER C 90 38.92 -24.81 -19.65
C SER C 90 37.52 -24.16 -19.62
N HIS C 91 37.21 -23.39 -20.68
CA HIS C 91 35.93 -22.69 -20.85
C HIS C 91 35.00 -23.42 -21.82
N TRP C 92 35.47 -24.53 -22.41
CA TRP C 92 34.67 -25.28 -23.38
C TRP C 92 34.44 -26.75 -22.96
N ASP C 93 34.47 -27.02 -21.64
CA ASP C 93 34.21 -28.34 -21.06
C ASP C 93 32.71 -28.66 -21.19
N LEU C 94 32.33 -29.96 -21.14
CA LEU C 94 30.95 -30.45 -21.27
C LEU C 94 29.92 -29.62 -20.47
N GLY C 95 30.33 -29.11 -19.30
CA GLY C 95 29.49 -28.30 -18.41
C GLY C 95 29.44 -26.82 -18.75
N SER C 96 30.60 -26.24 -19.14
CA SER C 96 30.71 -24.83 -19.50
C SER C 96 30.16 -24.57 -20.90
N ALA C 97 30.34 -25.52 -21.85
CA ALA C 97 29.85 -25.43 -23.22
C ALA C 97 28.33 -25.59 -23.26
N PHE C 98 27.76 -26.35 -22.29
CA PHE C 98 26.32 -26.55 -22.15
C PHE C 98 25.70 -25.25 -21.64
N PHE C 99 26.36 -24.58 -20.68
CA PHE C 99 25.91 -23.32 -20.12
C PHE C 99 26.01 -22.20 -21.16
N PHE C 100 27.08 -22.20 -22.01
CA PHE C 100 27.24 -21.22 -23.09
C PHE C 100 26.12 -21.39 -24.13
N ALA C 101 25.74 -22.65 -24.42
CA ALA C 101 24.66 -22.94 -25.36
C ALA C 101 23.35 -22.32 -24.85
N GLY C 102 23.11 -22.45 -23.54
CA GLY C 102 21.96 -21.88 -22.86
C GLY C 102 21.99 -20.37 -22.80
N THR C 103 23.20 -19.78 -22.77
CA THR C 103 23.48 -18.35 -22.75
C THR C 103 23.06 -17.73 -24.10
N VAL C 104 23.16 -18.51 -25.20
CA VAL C 104 22.77 -18.10 -26.56
C VAL C 104 21.23 -18.16 -26.67
N ILE C 105 20.66 -19.33 -26.32
CA ILE C 105 19.25 -19.71 -26.33
C ILE C 105 18.37 -18.69 -25.57
N THR C 106 18.76 -18.32 -24.34
CA THR C 106 18.01 -17.40 -23.48
C THR C 106 18.13 -15.93 -23.95
N THR C 107 19.03 -15.65 -24.92
CA THR C 107 19.38 -14.33 -25.52
C THR C 107 20.15 -13.45 -24.51
N ILE C 108 20.68 -14.05 -23.42
CA ILE C 108 21.46 -13.35 -22.39
C ILE C 108 22.78 -12.89 -23.01
N GLY C 109 23.50 -13.82 -23.64
CA GLY C 109 24.78 -13.59 -24.34
C GLY C 109 25.77 -12.75 -23.58
N TYR C 110 26.32 -13.31 -22.46
CA TYR C 110 27.26 -12.64 -21.58
C TYR C 110 28.45 -12.05 -22.34
N GLY C 111 29.23 -12.91 -23.01
CA GLY C 111 30.38 -12.47 -23.78
C GLY C 111 31.72 -12.91 -23.25
N ASN C 112 31.78 -13.39 -21.98
CA ASN C 112 33.00 -13.91 -21.35
C ASN C 112 33.54 -15.10 -22.17
N ILE C 113 32.61 -15.97 -22.62
CA ILE C 113 32.83 -17.09 -23.51
C ILE C 113 32.09 -16.77 -24.81
N ALA C 114 32.83 -16.61 -25.91
CA ALA C 114 32.26 -16.27 -27.22
C ALA C 114 32.98 -17.04 -28.34
N PRO C 115 32.28 -17.44 -29.44
CA PRO C 115 32.98 -18.18 -30.50
C PRO C 115 34.03 -17.32 -31.21
N SER C 116 35.27 -17.83 -31.25
CA SER C 116 36.45 -17.19 -31.84
C SER C 116 36.79 -17.80 -33.21
N THR C 117 36.42 -19.08 -33.42
CA THR C 117 36.64 -19.80 -34.68
C THR C 117 35.59 -19.35 -35.70
N GLU C 118 36.00 -19.23 -36.99
CA GLU C 118 35.11 -18.85 -38.09
C GLU C 118 33.95 -19.85 -38.20
N GLY C 119 34.27 -21.13 -38.03
CA GLY C 119 33.30 -22.22 -38.05
C GLY C 119 32.39 -22.21 -36.82
N GLY C 120 32.95 -21.83 -35.69
CA GLY C 120 32.25 -21.70 -34.42
C GLY C 120 31.23 -20.59 -34.45
N LYS C 121 31.54 -19.52 -35.22
CA LYS C 121 30.67 -18.37 -35.43
C LYS C 121 29.50 -18.75 -36.36
N ILE C 122 29.78 -19.51 -37.45
CA ILE C 122 28.81 -20.02 -38.44
C ILE C 122 27.76 -20.88 -37.73
N PHE C 123 28.21 -21.77 -36.82
CA PHE C 123 27.31 -22.62 -36.05
C PHE C 123 26.51 -21.80 -35.05
N CYS C 124 27.13 -20.77 -34.43
CA CYS C 124 26.50 -19.89 -33.45
C CYS C 124 25.35 -19.09 -34.07
N ILE C 125 25.48 -18.72 -35.37
CA ILE C 125 24.46 -18.00 -36.15
C ILE C 125 23.25 -18.93 -36.34
N LEU C 126 23.49 -20.18 -36.76
CA LEU C 126 22.46 -21.19 -37.02
C LEU C 126 21.83 -21.71 -35.72
N TYR C 127 22.62 -21.82 -34.64
CA TYR C 127 22.17 -22.29 -33.33
C TYR C 127 21.24 -21.28 -32.67
N ALA C 128 21.43 -19.98 -32.94
CA ALA C 128 20.59 -18.91 -32.39
C ALA C 128 19.28 -18.79 -33.18
N ILE C 129 19.37 -18.79 -34.53
CA ILE C 129 18.24 -18.66 -35.46
C ILE C 129 17.24 -19.83 -35.23
N PHE C 130 17.73 -21.08 -35.21
CA PHE C 130 16.90 -22.27 -35.04
C PHE C 130 16.87 -22.76 -33.57
N GLY C 131 17.21 -21.85 -32.64
CA GLY C 131 17.25 -22.19 -31.22
C GLY C 131 16.47 -21.29 -30.28
N ILE C 132 16.54 -19.96 -30.51
CA ILE C 132 15.83 -18.95 -29.69
C ILE C 132 14.29 -19.19 -29.80
N PRO C 133 13.67 -19.42 -31.00
CA PRO C 133 12.22 -19.70 -31.04
C PRO C 133 11.85 -21.01 -30.33
N LEU C 134 12.78 -22.02 -30.31
CA LEU C 134 12.58 -23.31 -29.63
C LEU C 134 12.43 -23.08 -28.12
N PHE C 135 13.21 -22.12 -27.58
CA PHE C 135 13.15 -21.74 -26.17
C PHE C 135 11.83 -21.03 -25.87
N GLY C 136 11.28 -20.36 -26.88
CA GLY C 136 10.00 -19.66 -26.82
C GLY C 136 8.86 -20.61 -26.51
N PHE C 137 8.92 -21.82 -27.09
CA PHE C 137 7.96 -22.92 -26.88
C PHE C 137 7.99 -23.39 -25.44
N LEU C 138 9.20 -23.61 -24.87
CA LEU C 138 9.39 -24.05 -23.49
C LEU C 138 8.98 -22.97 -22.49
N LEU C 139 9.37 -21.69 -22.75
CA LEU C 139 9.03 -20.56 -21.88
C LEU C 139 7.51 -20.33 -21.86
N ALA C 140 6.83 -20.58 -22.99
CA ALA C 140 5.37 -20.48 -23.11
C ALA C 140 4.70 -21.71 -22.49
N GLY C 141 5.36 -22.86 -22.60
CA GLY C 141 4.91 -24.14 -22.06
C GLY C 141 4.75 -24.12 -20.55
N ILE C 142 5.80 -23.62 -19.85
CA ILE C 142 5.82 -23.47 -18.39
C ILE C 142 4.92 -22.27 -18.01
N GLY C 143 4.86 -21.27 -18.89
CA GLY C 143 4.02 -20.08 -18.75
C GLY C 143 2.54 -20.37 -18.78
N ASP C 144 2.14 -21.42 -19.54
CA ASP C 144 0.74 -21.87 -19.64
C ASP C 144 0.35 -22.67 -18.39
N GLN C 145 1.33 -23.43 -17.82
CA GLN C 145 1.14 -24.23 -16.61
C GLN C 145 0.99 -23.33 -15.38
N LEU C 146 1.83 -22.28 -15.29
CA LEU C 146 1.82 -21.30 -14.21
C LEU C 146 0.56 -20.45 -14.28
N GLY C 147 0.06 -20.21 -15.49
CA GLY C 147 -1.17 -19.47 -15.76
C GLY C 147 -2.41 -20.14 -15.17
N THR C 148 -2.37 -21.49 -15.06
CA THR C 148 -3.42 -22.31 -14.47
C THR C 148 -3.42 -22.13 -12.96
N ILE C 149 -2.21 -22.02 -12.36
CA ILE C 149 -1.98 -21.83 -10.92
C ILE C 149 -2.43 -20.41 -10.51
N PHE C 150 -1.97 -19.37 -11.25
CA PHE C 150 -2.32 -17.97 -10.97
C PHE C 150 -3.78 -17.65 -11.31
N GLY C 151 -4.31 -18.33 -12.33
CA GLY C 151 -5.70 -18.18 -12.78
C GLY C 151 -6.70 -18.66 -11.75
N LYS C 152 -6.35 -19.77 -11.06
CA LYS C 152 -7.12 -20.37 -9.99
C LYS C 152 -6.96 -19.56 -8.69
N SER C 153 -5.77 -18.95 -8.50
CA SER C 153 -5.44 -18.10 -7.34
C SER C 153 -6.18 -16.76 -7.41
N ILE C 154 -6.30 -16.17 -8.62
CA ILE C 154 -7.00 -14.90 -8.83
C ILE C 154 -8.51 -15.14 -8.78
N ARG C 172 -7.39 -7.56 -8.81
CA ARG C 172 -6.44 -7.87 -9.88
C ARG C 172 -5.12 -7.12 -9.68
N VAL C 173 -5.19 -5.82 -9.31
CA VAL C 173 -4.04 -4.94 -9.07
C VAL C 173 -3.24 -5.43 -7.85
N ILE C 174 -3.94 -5.76 -6.75
CA ILE C 174 -3.33 -6.26 -5.50
C ILE C 174 -2.73 -7.66 -5.73
N SER C 175 -3.35 -8.47 -6.60
CA SER C 175 -2.90 -9.83 -6.94
C SER C 175 -1.60 -9.80 -7.75
N THR C 176 -1.51 -8.87 -8.74
CA THR C 176 -0.35 -8.68 -9.62
C THR C 176 0.89 -8.25 -8.82
N ILE C 177 0.74 -7.27 -7.90
CA ILE C 177 1.80 -6.76 -7.03
C ILE C 177 2.28 -7.90 -6.09
N LEU C 178 1.32 -8.74 -5.62
CA LEU C 178 1.59 -9.90 -4.75
C LEU C 178 2.38 -10.98 -5.50
N PHE C 179 2.07 -11.20 -6.80
CA PHE C 179 2.79 -12.18 -7.63
C PHE C 179 4.21 -11.70 -7.94
N ILE C 180 4.37 -10.38 -8.24
CA ILE C 180 5.66 -9.75 -8.54
C ILE C 180 6.57 -9.87 -7.32
N LEU C 181 6.08 -9.49 -6.12
CA LEU C 181 6.80 -9.55 -4.85
C LEU C 181 7.19 -10.98 -4.47
N ALA C 182 6.35 -11.98 -4.85
CA ALA C 182 6.62 -13.40 -4.59
C ALA C 182 7.86 -13.85 -5.37
N GLY C 183 7.93 -13.46 -6.65
CA GLY C 183 9.04 -13.76 -7.53
C GLY C 183 10.29 -12.96 -7.19
N CYS C 184 10.12 -11.77 -6.61
CA CYS C 184 11.20 -10.88 -6.20
C CYS C 184 11.93 -11.41 -4.96
N ILE C 185 11.35 -12.39 -4.25
CA ILE C 185 11.95 -13.00 -3.07
C ILE C 185 12.58 -14.35 -3.47
N VAL C 186 11.80 -15.23 -4.12
CA VAL C 186 12.21 -16.59 -4.54
C VAL C 186 13.24 -16.57 -5.69
N PHE C 187 13.03 -15.73 -6.73
CA PHE C 187 13.89 -15.71 -7.91
C PHE C 187 14.84 -14.49 -7.99
N VAL C 188 14.69 -13.48 -7.10
CA VAL C 188 15.57 -12.30 -7.15
C VAL C 188 16.41 -12.19 -5.85
N THR C 189 15.76 -12.07 -4.68
CA THR C 189 16.44 -11.89 -3.39
C THR C 189 17.24 -13.15 -2.97
N ILE C 190 16.56 -14.31 -2.79
CA ILE C 190 17.18 -15.59 -2.38
C ILE C 190 18.38 -15.97 -3.28
N PRO C 191 18.32 -15.97 -4.65
CA PRO C 191 19.50 -16.33 -5.44
C PRO C 191 20.64 -15.32 -5.31
N ALA C 192 20.35 -14.01 -5.17
CA ALA C 192 21.36 -12.96 -4.99
C ALA C 192 22.15 -13.19 -3.70
N VAL C 193 21.46 -13.68 -2.63
CA VAL C 193 22.05 -14.00 -1.33
C VAL C 193 23.03 -15.17 -1.49
N ILE C 194 22.64 -16.21 -2.27
CA ILE C 194 23.45 -17.39 -2.59
C ILE C 194 24.70 -16.95 -3.38
N PHE C 195 24.53 -16.09 -4.41
CA PHE C 195 25.62 -15.58 -5.24
C PHE C 195 26.60 -14.71 -4.44
N LYS C 196 26.12 -14.04 -3.38
CA LYS C 196 26.95 -13.20 -2.51
C LYS C 196 27.91 -14.06 -1.68
N TYR C 197 27.50 -15.30 -1.34
CA TYR C 197 28.28 -16.24 -0.55
C TYR C 197 29.17 -17.14 -1.43
N ILE C 198 28.64 -17.65 -2.58
CA ILE C 198 29.38 -18.53 -3.47
C ILE C 198 30.45 -17.76 -4.25
N GLU C 199 30.05 -16.78 -5.07
CA GLU C 199 30.96 -15.98 -5.90
C GLU C 199 31.79 -14.98 -5.06
N GLY C 200 31.23 -14.55 -3.94
CA GLY C 200 31.88 -13.61 -3.03
C GLY C 200 31.74 -12.15 -3.42
N TRP C 201 30.71 -11.82 -4.22
CA TRP C 201 30.43 -10.45 -4.67
C TRP C 201 29.84 -9.58 -3.55
N THR C 202 29.74 -8.26 -3.79
CA THR C 202 29.14 -7.32 -2.83
C THR C 202 27.61 -7.46 -2.89
N ALA C 203 26.91 -6.88 -1.89
CA ALA C 203 25.44 -6.90 -1.80
C ALA C 203 24.79 -6.30 -3.05
N LEU C 204 25.45 -5.29 -3.66
CA LEU C 204 25.00 -4.60 -4.87
C LEU C 204 25.19 -5.49 -6.09
N GLU C 205 26.44 -5.97 -6.34
CA GLU C 205 26.86 -6.81 -7.46
C GLU C 205 26.05 -8.09 -7.59
N SER C 206 25.60 -8.66 -6.47
CA SER C 206 24.79 -9.88 -6.42
C SER C 206 23.38 -9.61 -6.96
N ILE C 207 22.72 -8.52 -6.49
CA ILE C 207 21.40 -8.10 -6.96
C ILE C 207 21.49 -7.62 -8.41
N TYR C 208 22.58 -6.88 -8.74
CA TYR C 208 22.86 -6.35 -10.07
C TYR C 208 23.00 -7.48 -11.08
N PHE C 209 23.75 -8.55 -10.74
CA PHE C 209 23.94 -9.71 -11.63
C PHE C 209 22.60 -10.38 -11.91
N VAL C 210 21.80 -10.66 -10.86
CA VAL C 210 20.48 -11.30 -10.97
C VAL C 210 19.59 -10.48 -11.92
N VAL C 211 19.54 -9.13 -11.73
CA VAL C 211 18.75 -8.20 -12.55
C VAL C 211 19.21 -8.30 -14.02
N VAL C 212 20.52 -8.09 -14.28
CA VAL C 212 21.15 -8.14 -15.61
C VAL C 212 20.94 -9.53 -16.28
N THR C 213 20.85 -10.61 -15.49
CA THR C 213 20.63 -11.97 -15.99
C THR C 213 19.17 -12.16 -16.40
N LEU C 214 18.21 -11.92 -15.47
CA LEU C 214 16.78 -12.13 -15.72
C LEU C 214 16.21 -11.17 -16.78
N THR C 215 16.80 -9.97 -16.94
CA THR C 215 16.35 -9.00 -17.97
C THR C 215 16.85 -9.43 -19.37
N THR C 216 17.66 -10.51 -19.45
CA THR C 216 18.32 -11.12 -20.62
C THR C 216 19.31 -10.12 -21.27
N VAL C 217 19.70 -9.07 -20.52
CA VAL C 217 20.65 -8.04 -20.96
C VAL C 217 22.03 -8.69 -21.07
N GLY C 218 22.49 -9.31 -19.97
CA GLY C 218 23.76 -10.04 -19.87
C GLY C 218 24.99 -9.32 -20.41
N PHE C 219 25.53 -8.38 -19.62
CA PHE C 219 26.71 -7.61 -20.00
C PHE C 219 27.96 -8.50 -20.02
N GLY C 220 28.03 -9.43 -19.07
CA GLY C 220 29.15 -10.36 -18.95
C GLY C 220 30.24 -9.87 -18.02
N ASP C 221 30.04 -8.68 -17.41
CA ASP C 221 30.95 -8.06 -16.44
C ASP C 221 30.94 -8.86 -15.12
N PHE C 222 29.85 -9.61 -14.91
CA PHE C 222 29.62 -10.53 -13.80
C PHE C 222 28.98 -11.79 -14.37
N VAL C 223 29.64 -12.94 -14.21
CA VAL C 223 29.18 -14.26 -14.70
C VAL C 223 29.35 -15.26 -13.55
N ALA C 224 28.27 -16.03 -13.24
CA ALA C 224 28.23 -17.04 -12.17
C ALA C 224 29.23 -18.19 -12.40
N ARG C 233 32.24 -26.05 -7.86
CA ARG C 233 31.46 -27.28 -7.91
C ARG C 233 30.94 -27.55 -9.34
N GLU C 234 30.83 -28.84 -9.69
CA GLU C 234 30.38 -29.28 -11.02
C GLU C 234 28.87 -29.05 -11.23
N TRP C 235 28.06 -29.24 -10.17
CA TRP C 235 26.60 -29.09 -10.20
C TRP C 235 26.14 -27.61 -10.25
N TYR C 236 27.06 -26.65 -10.02
CA TYR C 236 26.80 -25.21 -9.97
C TYR C 236 26.23 -24.68 -11.29
N LYS C 237 27.03 -24.69 -12.38
CA LYS C 237 26.69 -24.21 -13.73
C LYS C 237 25.31 -24.76 -14.23
N PRO C 238 24.98 -26.09 -14.16
CA PRO C 238 23.65 -26.53 -14.63
C PRO C 238 22.51 -26.00 -13.74
N LEU C 239 22.75 -25.88 -12.41
CA LEU C 239 21.76 -25.37 -11.44
C LEU C 239 21.45 -23.89 -11.69
N VAL C 240 22.46 -23.11 -12.16
CA VAL C 240 22.33 -21.69 -12.47
C VAL C 240 21.42 -21.55 -13.71
N TRP C 241 21.63 -22.39 -14.75
CA TRP C 241 20.77 -22.36 -15.95
C TRP C 241 19.35 -22.79 -15.61
N PHE C 242 19.18 -23.79 -14.71
CA PHE C 242 17.84 -24.22 -14.32
C PHE C 242 17.13 -23.08 -13.59
N TRP C 243 17.88 -22.27 -12.79
CA TRP C 243 17.37 -21.07 -12.10
C TRP C 243 16.97 -20.02 -13.14
N ILE C 244 17.75 -19.88 -14.22
CA ILE C 244 17.51 -18.94 -15.32
C ILE C 244 16.18 -19.33 -16.01
N LEU C 245 16.00 -20.63 -16.34
CA LEU C 245 14.81 -21.17 -17.01
C LEU C 245 13.53 -20.99 -16.17
N VAL C 246 13.56 -21.38 -14.87
CA VAL C 246 12.42 -21.29 -13.96
C VAL C 246 12.15 -19.81 -13.62
N GLY C 247 13.22 -19.07 -13.34
CA GLY C 247 13.17 -17.64 -13.03
C GLY C 247 12.61 -16.78 -14.14
N LEU C 248 12.96 -17.11 -15.40
CA LEU C 248 12.47 -16.41 -16.59
C LEU C 248 11.00 -16.76 -16.85
N ALA C 249 10.64 -18.06 -16.78
CA ALA C 249 9.28 -18.57 -17.00
C ALA C 249 8.27 -17.93 -16.06
N TYR C 250 8.67 -17.66 -14.79
CA TYR C 250 7.83 -17.02 -13.78
C TYR C 250 7.57 -15.55 -14.13
N PHE C 251 8.61 -14.81 -14.54
CA PHE C 251 8.48 -13.40 -14.90
C PHE C 251 7.84 -13.23 -16.28
N ALA C 252 7.88 -14.28 -17.12
CA ALA C 252 7.28 -14.29 -18.46
C ALA C 252 5.77 -14.54 -18.38
N ALA C 253 5.34 -15.44 -17.45
CA ALA C 253 3.92 -15.78 -17.23
C ALA C 253 3.16 -14.61 -16.61
N VAL C 254 3.81 -13.85 -15.69
CA VAL C 254 3.26 -12.66 -15.06
C VAL C 254 3.12 -11.57 -16.13
N LEU C 255 4.15 -11.42 -17.00
CA LEU C 255 4.15 -10.48 -18.12
C LEU C 255 3.11 -10.87 -19.18
N SER C 256 2.84 -12.19 -19.32
CA SER C 256 1.84 -12.73 -20.26
C SER C 256 0.41 -12.44 -19.76
N MET C 257 0.21 -12.45 -18.43
CA MET C 257 -1.08 -12.16 -17.79
C MET C 257 -1.46 -10.69 -17.94
N ILE C 258 -0.47 -9.78 -17.72
CA ILE C 258 -0.65 -8.33 -17.83
C ILE C 258 -0.91 -7.97 -19.31
N GLY C 259 -0.14 -8.61 -20.21
CA GLY C 259 -0.24 -8.44 -21.66
C GLY C 259 -1.55 -8.89 -22.26
N ASP C 260 -2.15 -9.96 -21.69
CA ASP C 260 -3.44 -10.51 -22.13
C ASP C 260 -4.59 -9.58 -21.72
N TRP C 261 -4.50 -8.99 -20.50
CA TRP C 261 -5.49 -8.05 -19.96
C TRP C 261 -5.50 -6.74 -20.75
N LEU C 262 -4.31 -6.21 -21.10
CA LEU C 262 -4.13 -4.97 -21.86
C LEU C 262 -4.61 -5.12 -23.30
N LYS D 8 -0.92 -28.53 -22.25
CA LYS D 8 -0.78 -29.84 -21.63
C LYS D 8 0.63 -30.02 -21.06
N TRP D 9 0.74 -30.68 -19.89
CA TRP D 9 2.03 -30.94 -19.21
C TRP D 9 2.82 -32.05 -19.93
N LYS D 10 2.13 -32.96 -20.64
CA LYS D 10 2.74 -34.06 -21.40
C LYS D 10 3.60 -33.51 -22.56
N THR D 11 3.21 -32.35 -23.12
CA THR D 11 3.91 -31.68 -24.22
C THR D 11 5.03 -30.78 -23.69
N VAL D 12 4.85 -30.15 -22.49
CA VAL D 12 5.85 -29.27 -21.86
C VAL D 12 7.12 -30.08 -21.55
N VAL D 13 6.95 -31.31 -21.02
CA VAL D 13 8.05 -32.23 -20.71
C VAL D 13 8.73 -32.66 -22.02
N ALA D 14 7.93 -32.90 -23.09
CA ALA D 14 8.42 -33.28 -24.42
C ALA D 14 9.29 -32.18 -25.02
N ILE D 15 8.89 -30.88 -24.87
CA ILE D 15 9.67 -29.73 -25.35
C ILE D 15 10.95 -29.62 -24.51
N PHE D 16 10.84 -29.82 -23.18
CA PHE D 16 11.96 -29.76 -22.23
C PHE D 16 13.04 -30.78 -22.59
N VAL D 17 12.63 -32.00 -23.01
CA VAL D 17 13.54 -33.08 -23.42
C VAL D 17 14.30 -32.63 -24.67
N VAL D 18 13.58 -32.08 -25.68
CA VAL D 18 14.15 -31.58 -26.95
C VAL D 18 15.19 -30.48 -26.66
N VAL D 19 14.84 -29.49 -25.81
CA VAL D 19 15.67 -28.34 -25.43
C VAL D 19 16.97 -28.81 -24.71
N VAL D 20 16.85 -29.70 -23.69
CA VAL D 20 17.98 -30.24 -22.94
C VAL D 20 18.91 -31.05 -23.90
N VAL D 21 18.31 -31.79 -24.86
CA VAL D 21 19.05 -32.55 -25.87
C VAL D 21 19.79 -31.55 -26.78
N TYR D 22 19.10 -30.47 -27.20
CA TYR D 22 19.62 -29.40 -28.06
C TYR D 22 20.81 -28.68 -27.42
N LEU D 23 20.81 -28.52 -26.08
CA LEU D 23 21.90 -27.87 -25.34
C LEU D 23 23.13 -28.77 -25.22
N VAL D 24 22.91 -30.09 -24.97
CA VAL D 24 23.98 -31.09 -24.85
C VAL D 24 24.61 -31.29 -26.23
N THR D 25 23.76 -31.45 -27.29
CA THR D 25 24.19 -31.61 -28.69
C THR D 25 24.99 -30.38 -29.12
N GLY D 26 24.37 -29.19 -28.98
CA GLY D 26 24.96 -27.90 -29.33
C GLY D 26 26.25 -27.61 -28.60
N GLY D 27 26.28 -27.93 -27.30
CA GLY D 27 27.45 -27.77 -26.44
C GLY D 27 28.64 -28.58 -26.90
N LEU D 28 28.38 -29.81 -27.37
CA LEU D 28 29.41 -30.71 -27.88
C LEU D 28 29.95 -30.23 -29.24
N VAL D 29 29.10 -29.57 -30.06
CA VAL D 29 29.48 -29.02 -31.37
C VAL D 29 30.41 -27.81 -31.14
N PHE D 30 30.04 -26.91 -30.21
CA PHE D 30 30.82 -25.72 -29.85
C PHE D 30 32.18 -26.11 -29.28
N ARG D 31 32.23 -27.13 -28.40
CA ARG D 31 33.46 -27.64 -27.80
C ARG D 31 34.42 -28.11 -28.90
N ALA D 32 33.90 -28.88 -29.87
CA ALA D 32 34.65 -29.40 -31.01
C ALA D 32 35.18 -28.29 -31.93
N LEU D 33 34.46 -27.16 -32.01
CA LEU D 33 34.80 -26.01 -32.86
C LEU D 33 35.70 -24.98 -32.18
N GLU D 34 35.64 -24.85 -30.83
CA GLU D 34 36.36 -23.81 -30.10
C GLU D 34 37.51 -24.29 -29.20
N GLN D 35 37.44 -25.52 -28.65
CA GLN D 35 38.51 -26.06 -27.79
C GLN D 35 39.86 -26.17 -28.56
N PRO D 36 39.95 -26.54 -29.87
CA PRO D 36 41.26 -26.55 -30.54
C PRO D 36 41.88 -25.15 -30.65
N PHE D 37 41.03 -24.12 -30.81
CA PHE D 37 41.46 -22.72 -30.89
C PHE D 37 41.89 -22.20 -29.51
N GLU D 38 41.14 -22.58 -28.45
CA GLU D 38 41.41 -22.21 -27.06
C GLU D 38 42.75 -22.80 -26.60
N SER D 39 43.02 -24.06 -27.00
CA SER D 39 44.27 -24.78 -26.70
C SER D 39 45.46 -24.09 -27.40
N SER D 40 45.24 -23.54 -28.62
CA SER D 40 46.23 -22.82 -29.41
C SER D 40 46.56 -21.47 -28.79
N GLN D 41 45.54 -20.71 -28.35
CA GLN D 41 45.73 -19.39 -27.73
C GLN D 41 46.35 -19.50 -26.33
N LYS D 42 46.15 -20.65 -25.64
CA LYS D 42 46.74 -20.92 -24.33
C LYS D 42 48.27 -21.05 -24.45
N ASN D 43 48.73 -21.66 -25.56
CA ASN D 43 50.13 -21.86 -25.89
C ASN D 43 50.75 -20.59 -26.47
N THR D 44 49.98 -19.84 -27.32
CA THR D 44 50.38 -18.58 -27.97
C THR D 44 50.79 -17.52 -26.93
N ILE D 45 49.96 -17.32 -25.87
CA ILE D 45 50.23 -16.35 -24.81
C ILE D 45 51.41 -16.83 -23.94
N ALA D 46 51.56 -18.16 -23.76
CA ALA D 46 52.65 -18.77 -22.99
C ALA D 46 53.98 -18.49 -23.66
N LEU D 47 54.01 -18.49 -25.01
CA LEU D 47 55.20 -18.20 -25.79
C LEU D 47 55.46 -16.69 -25.87
N GLU D 48 54.40 -15.87 -26.07
CA GLU D 48 54.49 -14.40 -26.17
C GLU D 48 55.07 -13.76 -24.90
N LYS D 49 54.65 -14.28 -23.73
CA LYS D 49 55.10 -13.81 -22.42
C LYS D 49 56.52 -14.25 -22.14
N ALA D 50 56.87 -15.52 -22.49
CA ALA D 50 58.19 -16.13 -22.31
C ALA D 50 59.24 -15.47 -23.20
N GLU D 51 58.82 -15.01 -24.39
CA GLU D 51 59.67 -14.32 -25.36
C GLU D 51 59.97 -12.90 -24.90
N PHE D 52 58.98 -12.22 -24.26
CA PHE D 52 59.15 -10.86 -23.73
C PHE D 52 60.23 -10.84 -22.66
N LEU D 53 60.14 -11.74 -21.67
CA LEU D 53 61.10 -11.85 -20.56
C LEU D 53 62.48 -12.31 -21.03
N ARG D 54 62.53 -13.06 -22.16
CA ARG D 54 63.76 -13.56 -22.77
C ARG D 54 64.52 -12.42 -23.46
N ASP D 55 63.79 -11.53 -24.15
CA ASP D 55 64.36 -10.39 -24.87
C ASP D 55 64.66 -9.23 -23.90
N HIS D 56 63.70 -8.92 -23.01
CA HIS D 56 63.82 -7.87 -22.01
C HIS D 56 64.21 -8.50 -20.68
N VAL D 57 65.52 -8.73 -20.49
CA VAL D 57 66.14 -9.37 -19.32
C VAL D 57 65.91 -8.57 -18.04
N CYS D 58 65.94 -7.22 -18.12
CA CYS D 58 65.77 -6.28 -17.01
C CYS D 58 64.38 -6.42 -16.31
N VAL D 59 63.40 -7.09 -16.98
CA VAL D 59 62.04 -7.32 -16.48
C VAL D 59 62.00 -8.67 -15.75
N SER D 60 61.37 -8.70 -14.55
CA SER D 60 61.19 -9.91 -13.75
C SER D 60 59.85 -10.58 -14.12
N PRO D 61 59.66 -11.91 -13.93
CA PRO D 61 58.37 -12.53 -14.29
C PRO D 61 57.18 -12.01 -13.49
N GLN D 62 57.42 -11.59 -12.23
CA GLN D 62 56.37 -11.06 -11.33
C GLN D 62 55.97 -9.63 -11.75
N GLU D 63 56.97 -8.78 -12.15
CA GLU D 63 56.73 -7.40 -12.59
C GLU D 63 55.97 -7.38 -13.92
N LEU D 64 56.10 -8.47 -14.71
CA LEU D 64 55.41 -8.66 -15.97
C LEU D 64 53.93 -8.89 -15.69
N GLU D 65 53.61 -9.82 -14.76
CA GLU D 65 52.24 -10.17 -14.35
C GLU D 65 51.51 -8.97 -13.78
N THR D 66 52.23 -8.12 -13.00
CA THR D 66 51.72 -6.90 -12.38
C THR D 66 51.21 -5.96 -13.48
N LEU D 67 52.02 -5.75 -14.55
CA LEU D 67 51.68 -4.90 -15.69
C LEU D 67 50.49 -5.47 -16.47
N ILE D 68 50.48 -6.81 -16.72
CA ILE D 68 49.40 -7.48 -17.45
C ILE D 68 48.10 -7.31 -16.65
N GLN D 69 48.15 -7.52 -15.32
CA GLN D 69 47.00 -7.37 -14.43
C GLN D 69 46.48 -5.93 -14.46
N HIS D 70 47.40 -4.93 -14.46
CA HIS D 70 47.07 -3.51 -14.54
C HIS D 70 46.41 -3.17 -15.88
N ALA D 71 46.87 -3.79 -16.97
CA ALA D 71 46.34 -3.62 -18.33
C ALA D 71 44.96 -4.27 -18.44
N LEU D 72 44.75 -5.41 -17.76
CA LEU D 72 43.47 -6.13 -17.73
C LEU D 72 42.44 -5.37 -16.90
N ASP D 73 42.86 -4.81 -15.74
CA ASP D 73 42.00 -4.03 -14.84
C ASP D 73 41.49 -2.77 -15.53
N ALA D 74 42.33 -2.14 -16.37
CA ALA D 74 41.98 -0.96 -17.16
C ALA D 74 40.97 -1.32 -18.24
N ASP D 75 41.14 -2.51 -18.86
CA ASP D 75 40.26 -3.04 -19.91
C ASP D 75 38.88 -3.37 -19.32
N ASN D 76 38.84 -3.94 -18.10
CA ASN D 76 37.61 -4.28 -17.37
C ASN D 76 36.82 -3.02 -17.02
N ALA D 77 37.54 -1.91 -16.74
CA ALA D 77 36.94 -0.60 -16.43
C ALA D 77 36.40 0.07 -17.72
N GLY D 78 36.98 -0.29 -18.87
CA GLY D 78 36.59 0.24 -20.17
C GLY D 78 37.60 1.16 -20.83
N VAL D 79 38.80 1.26 -20.23
CA VAL D 79 39.90 2.10 -20.71
C VAL D 79 40.89 1.21 -21.49
N SER D 80 41.13 1.54 -22.77
CA SER D 80 42.05 0.81 -23.63
C SER D 80 43.50 0.98 -23.15
N PRO D 81 44.20 -0.11 -22.79
CA PRO D 81 45.59 0.05 -22.34
C PRO D 81 46.58 0.13 -23.50
N ILE D 82 46.10 0.60 -24.67
CA ILE D 82 46.90 0.78 -25.88
C ILE D 82 46.96 2.29 -26.18
N GLY D 83 48.16 2.84 -26.20
CA GLY D 83 48.40 4.26 -26.48
C GLY D 83 48.13 5.16 -25.29
N SER D 90 36.73 8.91 -25.70
CA SER D 90 35.87 8.58 -24.56
C SER D 90 34.73 7.64 -24.96
N HIS D 91 34.31 6.78 -24.02
CA HIS D 91 33.22 5.81 -24.19
C HIS D 91 31.91 6.29 -23.58
N TRP D 92 31.94 7.43 -22.85
CA TRP D 92 30.75 7.95 -22.18
C TRP D 92 30.32 9.34 -22.70
N ASP D 93 30.66 9.64 -23.98
CA ASP D 93 30.28 10.89 -24.65
C ASP D 93 28.78 10.87 -24.95
N LEU D 94 28.14 12.05 -25.16
CA LEU D 94 26.72 12.22 -25.45
C LEU D 94 26.16 11.19 -26.46
N GLY D 95 26.97 10.82 -27.47
CA GLY D 95 26.60 9.87 -28.50
C GLY D 95 26.79 8.41 -28.10
N SER D 96 27.91 8.09 -27.42
CA SER D 96 28.23 6.73 -26.98
C SER D 96 27.38 6.32 -25.78
N ALA D 97 27.07 7.26 -24.87
CA ALA D 97 26.25 7.03 -23.68
C ALA D 97 24.78 6.83 -24.07
N PHE D 98 24.35 7.48 -25.18
CA PHE D 98 23.00 7.35 -25.74
C PHE D 98 22.85 5.96 -26.34
N PHE D 99 23.89 5.47 -27.05
CA PHE D 99 23.92 4.15 -27.66
C PHE D 99 23.95 3.07 -26.58
N PHE D 100 24.71 3.28 -25.48
CA PHE D 100 24.77 2.34 -24.35
C PHE D 100 23.40 2.22 -23.68
N ALA D 101 22.68 3.35 -23.55
CA ALA D 101 21.34 3.38 -22.96
C ALA D 101 20.40 2.50 -23.80
N GLY D 102 20.51 2.60 -25.12
CA GLY D 102 19.75 1.80 -26.08
C GLY D 102 20.14 0.33 -26.06
N THR D 103 21.41 0.05 -25.73
CA THR D 103 22.00 -1.30 -25.60
C THR D 103 21.36 -2.02 -24.40
N VAL D 104 20.97 -1.27 -23.35
CA VAL D 104 20.31 -1.79 -22.14
C VAL D 104 18.85 -2.08 -22.47
N ILE D 105 18.15 -1.06 -23.02
CA ILE D 105 16.74 -1.01 -23.41
C ILE D 105 16.35 -2.19 -24.34
N THR D 106 17.14 -2.43 -25.41
CA THR D 106 16.89 -3.48 -26.40
C THR D 106 17.20 -4.89 -25.86
N THR D 107 17.83 -4.99 -24.66
CA THR D 107 18.27 -6.21 -23.94
C THR D 107 19.48 -6.87 -24.65
N ILE D 108 20.14 -6.13 -25.58
CA ILE D 108 21.31 -6.62 -26.32
C ILE D 108 22.48 -6.78 -25.34
N GLY D 109 22.77 -5.72 -24.56
CA GLY D 109 23.81 -5.68 -23.53
C GLY D 109 25.14 -6.26 -23.96
N TYR D 110 25.83 -5.56 -24.88
CA TYR D 110 27.11 -5.97 -25.46
C TYR D 110 28.14 -6.31 -24.36
N GLY D 111 28.49 -5.32 -23.53
CA GLY D 111 29.43 -5.51 -22.45
C GLY D 111 30.74 -4.75 -22.59
N ASN D 112 31.04 -4.24 -23.81
CA ASN D 112 32.25 -3.45 -24.10
C ASN D 112 32.25 -2.19 -23.19
N ILE D 113 31.06 -1.57 -23.05
CA ILE D 113 30.77 -0.44 -22.18
C ILE D 113 29.80 -0.96 -21.13
N ALA D 114 30.21 -0.97 -19.86
CA ALA D 114 29.40 -1.45 -18.73
C ALA D 114 29.58 -0.56 -17.50
N PRO D 115 28.52 -0.34 -16.67
CA PRO D 115 28.70 0.53 -15.48
C PRO D 115 29.68 -0.08 -14.47
N SER D 116 30.71 0.70 -14.10
CA SER D 116 31.75 0.31 -13.15
C SER D 116 31.54 0.96 -11.78
N THR D 117 30.87 2.14 -11.75
CA THR D 117 30.54 2.89 -10.54
C THR D 117 29.38 2.21 -9.82
N GLU D 118 29.43 2.17 -8.47
CA GLU D 118 28.38 1.59 -7.62
C GLU D 118 27.04 2.26 -7.90
N GLY D 119 27.07 3.59 -8.06
CA GLY D 119 25.91 4.41 -8.38
C GLY D 119 25.42 4.19 -9.79
N GLY D 120 26.37 3.97 -10.71
CA GLY D 120 26.09 3.70 -12.12
C GLY D 120 25.38 2.37 -12.32
N LYS D 121 25.71 1.37 -11.47
CA LYS D 121 25.09 0.04 -11.47
C LYS D 121 23.68 0.13 -10.90
N ILE D 122 23.46 0.92 -9.81
CA ILE D 122 22.17 1.14 -9.15
C ILE D 122 21.18 1.77 -10.13
N PHE D 123 21.64 2.76 -10.92
CA PHE D 123 20.81 3.42 -11.94
C PHE D 123 20.55 2.46 -13.10
N CYS D 124 21.53 1.61 -13.48
CA CYS D 124 21.42 0.64 -14.57
C CYS D 124 20.35 -0.42 -14.26
N ILE D 125 20.19 -0.79 -12.97
CA ILE D 125 19.19 -1.74 -12.47
C ILE D 125 17.79 -1.12 -12.66
N LEU D 126 17.62 0.14 -12.23
CA LEU D 126 16.35 0.88 -12.33
C LEU D 126 16.02 1.27 -13.77
N TYR D 127 17.04 1.60 -14.59
CA TYR D 127 16.88 1.99 -15.99
C TYR D 127 16.43 0.81 -16.84
N ALA D 128 16.82 -0.42 -16.48
CA ALA D 128 16.44 -1.64 -17.19
C ALA D 128 15.03 -2.08 -16.80
N ILE D 129 14.73 -2.10 -15.48
CA ILE D 129 13.43 -2.50 -14.91
C ILE D 129 12.31 -1.59 -15.45
N PHE D 130 12.48 -0.26 -15.39
CA PHE D 130 11.48 0.72 -15.83
C PHE D 130 11.77 1.22 -17.27
N GLY D 131 12.54 0.45 -18.03
CA GLY D 131 12.91 0.82 -19.40
C GLY D 131 12.66 -0.22 -20.47
N ILE D 132 12.97 -1.50 -20.18
CA ILE D 132 12.76 -2.62 -21.11
C ILE D 132 11.25 -2.75 -21.45
N PRO D 133 10.27 -2.71 -20.48
CA PRO D 133 8.85 -2.77 -20.86
C PRO D 133 8.41 -1.57 -21.69
N LEU D 134 9.04 -0.38 -21.49
CA LEU D 134 8.77 0.86 -22.24
C LEU D 134 9.11 0.67 -23.72
N PHE D 135 10.16 -0.12 -24.01
CA PHE D 135 10.59 -0.48 -25.37
C PHE D 135 9.62 -1.48 -25.97
N GLY D 136 8.99 -2.29 -25.11
CA GLY D 136 7.99 -3.28 -25.50
C GLY D 136 6.80 -2.63 -26.16
N PHE D 137 6.38 -1.46 -25.63
CA PHE D 137 5.29 -0.63 -26.15
C PHE D 137 5.58 -0.17 -27.58
N LEU D 138 6.81 0.33 -27.83
CA LEU D 138 7.26 0.80 -29.14
C LEU D 138 7.41 -0.38 -30.11
N LEU D 139 7.94 -1.52 -29.63
CA LEU D 139 8.15 -2.76 -30.40
C LEU D 139 6.80 -3.32 -30.88
N ALA D 140 5.78 -3.31 -30.01
CA ALA D 140 4.43 -3.77 -30.34
C ALA D 140 3.71 -2.75 -31.22
N GLY D 141 4.07 -1.47 -31.05
CA GLY D 141 3.51 -0.34 -31.80
C GLY D 141 3.85 -0.40 -33.28
N ILE D 142 5.15 -0.58 -33.60
CA ILE D 142 5.65 -0.71 -34.98
C ILE D 142 5.20 -2.08 -35.53
N GLY D 143 5.04 -3.06 -34.64
CA GLY D 143 4.57 -4.40 -34.97
C GLY D 143 3.10 -4.45 -35.35
N ASP D 144 2.28 -3.57 -34.74
CA ASP D 144 0.84 -3.46 -35.00
C ASP D 144 0.57 -2.89 -36.40
N GLN D 145 1.30 -1.81 -36.76
CA GLN D 145 1.19 -1.14 -38.06
C GLN D 145 1.73 -2.06 -39.18
N LEU D 146 2.77 -2.87 -38.86
CA LEU D 146 3.38 -3.84 -39.77
C LEU D 146 2.41 -5.01 -39.99
N GLY D 147 1.67 -5.37 -38.94
CA GLY D 147 0.65 -6.43 -38.96
C GLY D 147 -0.49 -6.13 -39.90
N THR D 148 -0.72 -4.83 -40.19
CA THR D 148 -1.73 -4.34 -41.12
C THR D 148 -1.19 -4.44 -42.55
N ILE D 149 0.13 -4.20 -42.75
CA ILE D 149 0.83 -4.28 -44.03
C ILE D 149 0.96 -5.75 -44.48
N PHE D 150 1.16 -6.68 -43.53
CA PHE D 150 1.27 -8.12 -43.80
C PHE D 150 -0.11 -8.71 -44.16
N GLY D 151 -1.12 -8.37 -43.34
CA GLY D 151 -2.50 -8.81 -43.48
C GLY D 151 -3.15 -8.42 -44.79
N LYS D 152 -2.84 -7.21 -45.28
CA LYS D 152 -3.35 -6.68 -46.56
C LYS D 152 -2.74 -7.42 -47.75
N SER D 153 -1.45 -7.82 -47.62
CA SER D 153 -0.71 -8.55 -48.66
C SER D 153 -1.20 -10.00 -48.76
N ILE D 154 -1.52 -10.65 -47.61
CA ILE D 154 -2.04 -12.02 -47.54
C ILE D 154 -3.44 -12.04 -48.19
N ALA D 155 -4.26 -11.01 -47.88
CA ALA D 155 -5.62 -10.82 -48.41
C ALA D 155 -5.60 -10.61 -49.94
N ARG D 156 -4.53 -9.96 -50.46
CA ARG D 156 -4.33 -9.72 -51.89
C ARG D 156 -4.01 -11.02 -52.63
N VAL D 157 -3.21 -11.91 -51.99
CA VAL D 157 -2.82 -13.23 -52.50
C VAL D 157 -4.06 -14.16 -52.41
N GLU D 158 -4.83 -14.05 -51.30
CA GLU D 158 -6.07 -14.82 -51.06
C GLU D 158 -7.16 -14.44 -52.06
N LYS D 159 -7.08 -13.22 -52.63
CA LYS D 159 -8.01 -12.73 -53.65
C LYS D 159 -7.75 -13.41 -55.00
N VAL D 160 -6.53 -13.94 -55.18
CA VAL D 160 -6.09 -14.62 -56.40
C VAL D 160 -6.10 -16.14 -56.22
N PHE D 161 -5.22 -16.67 -55.33
CA PHE D 161 -5.02 -18.10 -55.04
C PHE D 161 -6.28 -18.84 -54.57
N ARG D 162 -7.12 -18.23 -53.68
CA ARG D 162 -8.35 -18.88 -53.18
C ARG D 162 -9.38 -19.08 -54.31
N LYS D 163 -9.31 -18.26 -55.39
CA LYS D 163 -10.18 -18.41 -56.56
C LYS D 163 -9.71 -19.61 -57.39
N LYS D 164 -8.43 -20.00 -57.22
CA LYS D 164 -7.78 -21.15 -57.85
C LYS D 164 -7.81 -22.37 -56.90
N GLN D 165 -8.73 -22.33 -55.90
CA GLN D 165 -9.02 -23.34 -54.86
C GLN D 165 -7.79 -23.71 -53.99
N VAL D 166 -6.86 -22.76 -53.77
CA VAL D 166 -5.66 -22.97 -52.95
C VAL D 166 -6.01 -22.77 -51.47
N SER D 167 -5.56 -23.71 -50.61
CA SER D 167 -5.81 -23.73 -49.17
C SER D 167 -5.16 -22.51 -48.47
N GLN D 168 -5.82 -22.04 -47.38
CA GLN D 168 -5.39 -20.90 -46.57
C GLN D 168 -4.00 -21.13 -45.96
N THR D 169 -3.67 -22.39 -45.59
CA THR D 169 -2.38 -22.77 -45.00
C THR D 169 -1.26 -22.62 -46.03
N LYS D 170 -1.52 -22.98 -47.32
CA LYS D 170 -0.55 -22.87 -48.43
C LYS D 170 -0.23 -21.39 -48.71
N ILE D 171 -1.24 -20.51 -48.64
CA ILE D 171 -1.11 -19.06 -48.85
C ILE D 171 -0.30 -18.45 -47.69
N ARG D 172 -0.59 -18.88 -46.44
CA ARG D 172 0.07 -18.40 -45.21
C ARG D 172 1.56 -18.77 -45.13
N VAL D 173 1.93 -20.01 -45.56
CA VAL D 173 3.32 -20.51 -45.53
C VAL D 173 4.16 -19.76 -46.60
N ILE D 174 3.61 -19.58 -47.81
CA ILE D 174 4.27 -18.89 -48.93
C ILE D 174 4.52 -17.40 -48.63
N SER D 175 3.58 -16.75 -47.91
CA SER D 175 3.66 -15.33 -47.53
C SER D 175 4.64 -15.09 -46.37
N THR D 176 4.79 -16.09 -45.47
CA THR D 176 5.69 -16.02 -44.32
C THR D 176 7.15 -16.08 -44.79
N ILE D 177 7.48 -17.04 -45.68
CA ILE D 177 8.82 -17.23 -46.25
C ILE D 177 9.23 -15.95 -47.02
N LEU D 178 8.26 -15.33 -47.73
CA LEU D 178 8.44 -14.09 -48.48
C LEU D 178 8.72 -12.92 -47.54
N PHE D 179 8.05 -12.88 -46.37
CA PHE D 179 8.22 -11.84 -45.35
C PHE D 179 9.56 -11.96 -44.64
N ILE D 180 10.03 -13.21 -44.39
CA ILE D 180 11.32 -13.52 -43.74
C ILE D 180 12.47 -13.10 -44.68
N LEU D 181 12.40 -13.53 -45.97
CA LEU D 181 13.40 -13.22 -47.01
C LEU D 181 13.51 -11.73 -47.29
N ALA D 182 12.40 -10.96 -47.15
CA ALA D 182 12.36 -9.51 -47.35
C ALA D 182 13.20 -8.81 -46.28
N GLY D 183 13.06 -9.26 -45.03
CA GLY D 183 13.81 -8.74 -43.89
C GLY D 183 15.25 -9.20 -43.88
N CYS D 184 15.52 -10.38 -44.48
CA CYS D 184 16.86 -10.97 -44.56
C CYS D 184 17.74 -10.22 -45.58
N ILE D 185 17.14 -9.39 -46.44
CA ILE D 185 17.87 -8.61 -47.43
C ILE D 185 18.04 -7.16 -46.93
N VAL D 186 16.92 -6.52 -46.52
CA VAL D 186 16.86 -5.12 -46.06
C VAL D 186 17.53 -4.94 -44.68
N PHE D 187 17.25 -5.83 -43.71
CA PHE D 187 17.77 -5.68 -42.33
C PHE D 187 18.93 -6.65 -41.98
N VAL D 188 19.26 -7.63 -42.84
CA VAL D 188 20.35 -8.57 -42.53
C VAL D 188 21.50 -8.43 -43.56
N THR D 189 21.22 -8.65 -44.86
CA THR D 189 22.25 -8.62 -45.91
C THR D 189 22.81 -7.20 -46.14
N ILE D 190 21.95 -6.23 -46.53
CA ILE D 190 22.33 -4.83 -46.80
C ILE D 190 23.13 -4.20 -45.63
N PRO D 191 22.69 -4.26 -44.33
CA PRO D 191 23.50 -3.65 -43.25
C PRO D 191 24.84 -4.35 -43.03
N ALA D 192 24.90 -5.70 -43.21
CA ALA D 192 26.14 -6.47 -43.07
C ALA D 192 27.18 -6.03 -44.09
N VAL D 193 26.72 -5.68 -45.32
CA VAL D 193 27.55 -5.19 -46.43
C VAL D 193 28.15 -3.82 -46.03
N ILE D 194 27.32 -2.92 -45.43
CA ILE D 194 27.72 -1.61 -44.95
C ILE D 194 28.77 -1.76 -43.82
N PHE D 195 28.52 -2.67 -42.85
CA PHE D 195 29.43 -2.95 -41.72
C PHE D 195 30.76 -3.55 -42.19
N LYS D 196 30.76 -4.28 -43.33
CA LYS D 196 31.97 -4.87 -43.91
C LYS D 196 32.90 -3.80 -44.48
N TYR D 197 32.33 -2.67 -44.96
CA TYR D 197 33.06 -1.55 -45.53
C TYR D 197 33.44 -0.50 -44.47
N ILE D 198 32.52 -0.18 -43.53
CA ILE D 198 32.77 0.84 -42.50
C ILE D 198 33.74 0.30 -41.43
N GLU D 199 33.35 -0.77 -40.71
CA GLU D 199 34.15 -1.37 -39.64
C GLU D 199 35.38 -2.11 -40.18
N GLY D 200 35.27 -2.64 -41.41
CA GLY D 200 36.34 -3.37 -42.07
C GLY D 200 36.44 -4.84 -41.68
N TRP D 201 35.33 -5.42 -41.19
CA TRP D 201 35.25 -6.83 -40.79
C TRP D 201 35.20 -7.77 -42.01
N THR D 202 35.33 -9.09 -41.77
CA THR D 202 35.26 -10.10 -42.83
C THR D 202 33.77 -10.31 -43.19
N ALA D 203 33.51 -11.00 -44.34
CA ALA D 203 32.16 -11.30 -44.81
C ALA D 203 31.35 -12.08 -43.77
N LEU D 204 32.03 -12.94 -42.98
CA LEU D 204 31.45 -13.75 -41.91
C LEU D 204 31.08 -12.89 -40.70
N GLU D 205 32.08 -12.16 -40.16
CA GLU D 205 31.99 -11.28 -38.98
C GLU D 205 30.88 -10.23 -39.10
N SER D 206 30.66 -9.73 -40.33
CA SER D 206 29.63 -8.72 -40.62
C SER D 206 28.22 -9.33 -40.47
N ILE D 207 27.98 -10.52 -41.08
CA ILE D 207 26.71 -11.24 -40.99
C ILE D 207 26.51 -11.74 -39.55
N TYR D 208 27.60 -12.22 -38.91
CA TYR D 208 27.64 -12.72 -37.52
C TYR D 208 27.22 -11.62 -36.56
N PHE D 209 27.78 -10.39 -36.71
CA PHE D 209 27.45 -9.26 -35.84
C PHE D 209 25.96 -8.92 -35.95
N VAL D 210 25.42 -8.81 -37.19
CA VAL D 210 24.02 -8.47 -37.48
C VAL D 210 23.09 -9.52 -36.83
N VAL D 211 23.45 -10.83 -36.93
CA VAL D 211 22.69 -11.94 -36.33
C VAL D 211 22.69 -11.79 -34.80
N VAL D 212 23.89 -11.70 -34.18
CA VAL D 212 24.10 -11.56 -32.74
C VAL D 212 23.40 -10.28 -32.19
N THR D 213 23.29 -9.21 -33.01
CA THR D 213 22.63 -7.96 -32.63
C THR D 213 21.10 -8.13 -32.65
N LEU D 214 20.54 -8.57 -33.81
CA LEU D 214 19.11 -8.76 -34.04
C LEU D 214 18.48 -9.82 -33.13
N THR D 215 19.26 -10.83 -32.70
CA THR D 215 18.77 -11.89 -31.81
C THR D 215 18.74 -11.41 -30.35
N THR D 216 19.24 -10.17 -30.09
CA THR D 216 19.38 -9.46 -28.81
C THR D 216 20.34 -10.22 -27.87
N VAL D 217 21.16 -11.13 -28.44
CA VAL D 217 22.16 -11.92 -27.72
C VAL D 217 23.27 -10.98 -27.25
N GLY D 218 23.86 -10.24 -28.20
CA GLY D 218 24.90 -9.26 -27.97
C GLY D 218 26.06 -9.68 -27.09
N PHE D 219 27.00 -10.47 -27.66
CA PHE D 219 28.18 -10.95 -26.94
C PHE D 219 29.13 -9.79 -26.61
N GLY D 220 29.25 -8.84 -27.53
CA GLY D 220 30.11 -7.68 -27.36
C GLY D 220 31.50 -7.88 -27.95
N ASP D 221 31.74 -9.05 -28.56
CA ASP D 221 33.00 -9.40 -29.22
C ASP D 221 33.18 -8.58 -30.51
N PHE D 222 32.05 -8.08 -31.05
CA PHE D 222 31.97 -7.19 -32.21
C PHE D 222 30.94 -6.12 -31.88
N VAL D 223 31.37 -4.86 -31.87
CA VAL D 223 30.52 -3.70 -31.55
C VAL D 223 30.74 -2.63 -32.62
N ALA D 224 29.64 -2.13 -33.22
CA ALA D 224 29.67 -1.08 -34.23
C ALA D 224 30.00 0.27 -33.59
N TYR D 236 26.87 8.01 -37.43
CA TYR D 236 27.04 6.57 -37.52
C TYR D 236 26.46 5.87 -36.26
N LYS D 237 26.76 6.41 -35.05
CA LYS D 237 26.27 5.88 -33.77
C LYS D 237 24.71 5.89 -33.70
N PRO D 238 23.98 6.98 -34.07
CA PRO D 238 22.50 6.91 -34.01
C PRO D 238 21.89 6.05 -35.12
N LEU D 239 22.56 5.99 -36.30
CA LEU D 239 22.13 5.23 -37.48
C LEU D 239 22.10 3.72 -37.21
N VAL D 240 23.04 3.20 -36.40
CA VAL D 240 23.14 1.79 -36.01
C VAL D 240 21.96 1.44 -35.07
N TRP D 241 21.63 2.35 -34.12
CA TRP D 241 20.50 2.13 -33.22
C TRP D 241 19.16 2.24 -33.98
N PHE D 242 19.09 3.09 -35.04
CA PHE D 242 17.87 3.22 -35.85
C PHE D 242 17.62 1.92 -36.62
N TRP D 243 18.70 1.27 -37.12
CA TRP D 243 18.65 -0.01 -37.82
C TRP D 243 18.23 -1.11 -36.84
N ILE D 244 18.78 -1.07 -35.61
CA ILE D 244 18.50 -2.01 -34.53
C ILE D 244 17.05 -1.88 -34.03
N LEU D 245 16.43 -0.69 -34.19
CA LEU D 245 15.05 -0.41 -33.79
C LEU D 245 14.06 -0.86 -34.86
N VAL D 246 14.37 -0.61 -36.15
CA VAL D 246 13.53 -0.98 -37.29
C VAL D 246 13.63 -2.49 -37.58
N GLY D 247 14.85 -3.02 -37.48
CA GLY D 247 15.14 -4.43 -37.72
C GLY D 247 14.49 -5.36 -36.72
N LEU D 248 14.63 -5.04 -35.41
CA LEU D 248 14.05 -5.80 -34.30
C LEU D 248 12.53 -5.82 -34.37
N ALA D 249 11.92 -4.66 -34.66
CA ALA D 249 10.47 -4.49 -34.77
C ALA D 249 9.89 -5.31 -35.93
N TYR D 250 10.65 -5.45 -37.05
CA TYR D 250 10.22 -6.21 -38.22
C TYR D 250 10.12 -7.71 -37.91
N PHE D 251 11.20 -8.31 -37.37
CA PHE D 251 11.26 -9.74 -37.05
C PHE D 251 10.36 -10.12 -35.86
N ALA D 252 10.05 -9.15 -34.96
CA ALA D 252 9.14 -9.37 -33.84
C ALA D 252 7.69 -9.43 -34.33
N ALA D 253 7.37 -8.63 -35.38
CA ALA D 253 6.06 -8.56 -36.03
C ALA D 253 5.77 -9.85 -36.78
N VAL D 254 6.81 -10.45 -37.41
CA VAL D 254 6.71 -11.72 -38.14
C VAL D 254 6.47 -12.85 -37.11
N LEU D 255 7.21 -12.81 -35.98
CA LEU D 255 7.10 -13.76 -34.87
C LEU D 255 5.72 -13.68 -34.19
N SER D 256 5.12 -12.47 -34.13
CA SER D 256 3.80 -12.23 -33.56
C SER D 256 2.69 -12.79 -34.47
N MET D 257 2.91 -12.75 -35.80
CA MET D 257 1.97 -13.25 -36.82
C MET D 257 1.91 -14.78 -36.81
N ILE D 258 3.07 -15.45 -36.61
CA ILE D 258 3.20 -16.91 -36.57
C ILE D 258 2.61 -17.45 -35.23
N GLY D 259 2.90 -16.74 -34.13
CA GLY D 259 2.44 -17.07 -32.79
C GLY D 259 0.92 -17.03 -32.63
N ASP D 260 0.27 -16.06 -33.30
CA ASP D 260 -1.19 -15.87 -33.28
C ASP D 260 -1.89 -17.00 -34.05
N TRP D 261 -1.30 -17.44 -35.18
CA TRP D 261 -1.81 -18.52 -36.02
C TRP D 261 -1.72 -19.88 -35.32
N LEU D 262 -0.60 -20.13 -34.61
CA LEU D 262 -0.34 -21.36 -33.88
C LEU D 262 -1.34 -21.56 -32.73
N ARG D 263 -1.69 -20.46 -32.02
CA ARG D 263 -2.67 -20.48 -30.92
C ARG D 263 -4.08 -20.67 -31.47
N VAL D 264 -4.34 -20.16 -32.70
CA VAL D 264 -5.62 -20.29 -33.42
C VAL D 264 -5.75 -21.75 -33.90
N LEU D 265 -4.64 -22.35 -34.38
CA LEU D 265 -4.54 -23.74 -34.82
C LEU D 265 -4.66 -24.69 -33.63
N SER D 266 -4.17 -24.25 -32.44
CA SER D 266 -4.24 -25.01 -31.18
C SER D 266 -5.70 -25.20 -30.74
N LYS D 267 -6.55 -24.17 -30.96
CA LYS D 267 -7.98 -24.21 -30.64
C LYS D 267 -8.72 -25.00 -31.71
#